data_5AHK
#
_entry.id   5AHK
#
_cell.length_a   65.220
_cell.length_b   139.870
_cell.length_c   65.340
_cell.angle_alpha   90.00
_cell.angle_beta   97.87
_cell.angle_gamma   90.00
#
_symmetry.space_group_name_H-M   'P 1 21 1'
#
loop_
_entity.id
_entity.type
_entity.pdbx_description
1 polymer 'ACETOLACTATE SYNTHASE II, LARGE SUBUNIT'
2 non-polymer 'THIAMINE DIPHOSPHATE'
3 non-polymer 'FLAVIN-ADENINE DINUCLEOTIDE'
4 non-polymer 'MAGNESIUM ION'
5 water water
#
_entity_poly.entity_id   1
_entity_poly.type   'polypeptide(L)'
_entity_poly.pdbx_seq_one_letter_code
;MGSSHHHHHHSSGLVPRGSHMKASDAVAKILADNNVLYGFELIGGMITHLVDSINLLGKTKLVSMHHEQGAAFAASAVSR
VTHHKTLGLALATSGPGATNLITGIADCWLDSHPCIFLTGQVNTHELKGKRDIRQQGFQELDSVALVTSITKYAYQIKSA
DELVPCLRKAIQIAKEGRPGPVLLDIPMDIQRADIDEALLNNPMTPEPKVQRPSIAMSDLDFIINKLQNAKKPLLLIGGG
AVNSSGFQKWLEQIELRGIPYVASLKGAEKIKASDLYLGMLGAYGTRAANHAVQNCDLLLVLGSRMDVRQTGAQPEDFAR
NAEIIQIDLQEGQLNNRVIADFSYQIELSEYFSRFSPLQIPVNNDWSVWTALLKEKFRVTFIDEYTTWNLSPFGLFTQLN
KLTERVALDYILDVGNNQMWAAHTLRLNAQQAMHHSGGLGSMGFAIPAAIGACYAGKKPIIVITGDGGAQLNIQELDIIA
RDKLPILTIVMNNHSLGMVRGFQEMYFEGRNSSTYWNGYTSQFKKIGEAYRVESKTIISMQAFSSALESFLESPRPLLLE
VSMSDARECRPRLEYGRAIDQQSPRHDG
;
_entity_poly.pdbx_strand_id   A,B
#
# COMPACT_ATOMS: atom_id res chain seq x y z
N MET A 21 -29.83 -19.92 5.20
CA MET A 21 -29.26 -18.59 5.59
C MET A 21 -28.32 -18.08 4.50
N LYS A 22 -28.34 -16.78 4.22
CA LYS A 22 -27.43 -16.17 3.24
C LYS A 22 -26.00 -16.28 3.77
N ALA A 23 -25.06 -16.66 2.90
CA ALA A 23 -23.66 -16.86 3.30
C ALA A 23 -23.06 -15.63 4.01
N SER A 24 -23.32 -14.46 3.48
CA SER A 24 -22.77 -13.23 4.07
C SER A 24 -23.32 -12.99 5.46
N ASP A 25 -24.58 -13.39 5.68
CA ASP A 25 -25.17 -13.31 7.04
C ASP A 25 -24.48 -14.32 7.98
N ALA A 26 -24.17 -15.50 7.45
CA ALA A 26 -23.40 -16.48 8.21
C ALA A 26 -22.02 -15.94 8.59
N VAL A 27 -21.38 -15.25 7.65
CA VAL A 27 -20.06 -14.70 7.93
C VAL A 27 -20.17 -13.69 9.07
N ALA A 28 -21.20 -12.84 9.00
CA ALA A 28 -21.42 -11.86 10.07
C ALA A 28 -21.61 -12.52 11.44
N LYS A 29 -22.45 -13.56 11.48
CA LYS A 29 -22.69 -14.31 12.71
C LYS A 29 -21.42 -14.93 13.29
N ILE A 30 -20.62 -15.55 12.42
CA ILE A 30 -19.40 -16.23 12.84
C ILE A 30 -18.34 -15.23 13.36
N LEU A 31 -18.19 -14.10 12.70
CA LEU A 31 -17.24 -13.08 13.18
C LEU A 31 -17.60 -12.66 14.62
N ALA A 32 -18.86 -12.34 14.82
CA ALA A 32 -19.30 -11.79 16.11
C ALA A 32 -19.21 -12.85 17.22
N ASP A 33 -19.42 -14.11 16.86
CA ASP A 33 -19.38 -15.19 17.86
C ASP A 33 -17.96 -15.59 18.25
N ASN A 34 -16.96 -15.10 17.53
CA ASN A 34 -15.56 -15.47 17.77
C ASN A 34 -14.69 -14.24 18.11
N ASN A 35 -15.34 -13.21 18.63
CA ASN A 35 -14.67 -12.01 19.18
C ASN A 35 -14.01 -11.12 18.13
N VAL A 36 -14.53 -11.14 16.90
CA VAL A 36 -14.02 -10.26 15.85
C VAL A 36 -15.01 -9.11 15.82
N LEU A 37 -14.74 -8.09 16.65
CA LEU A 37 -15.74 -7.11 17.08
C LEU A 37 -15.62 -5.70 16.48
N TYR A 38 -14.51 -5.44 15.81
CA TYR A 38 -14.29 -4.16 15.13
C TYR A 38 -13.69 -4.43 13.78
N GLY A 39 -14.26 -3.82 12.72
CA GLY A 39 -13.75 -3.92 11.37
C GLY A 39 -13.56 -2.58 10.72
N PHE A 40 -12.74 -2.58 9.67
CA PHE A 40 -12.38 -1.34 8.94
C PHE A 40 -12.34 -1.68 7.47
N GLU A 41 -12.92 -0.78 6.66
CA GLU A 41 -13.09 -1.06 5.23
C GLU A 41 -13.00 0.25 4.41
N LEU A 42 -12.57 0.10 3.15
CA LEU A 42 -12.94 0.97 2.05
C LEU A 42 -13.81 0.10 1.15
N ILE A 43 -15.00 0.61 0.81
CA ILE A 43 -15.97 -0.21 0.12
C ILE A 43 -15.53 -0.56 -1.30
N GLY A 44 -16.08 -1.66 -1.83
CA GLY A 44 -16.00 -1.95 -3.24
C GLY A 44 -17.16 -2.88 -3.60
N GLY A 45 -17.45 -3.02 -4.89
CA GLY A 45 -18.62 -3.82 -5.32
C GLY A 45 -18.61 -5.25 -4.78
N MET A 46 -17.42 -5.83 -4.68
CA MET A 46 -17.29 -7.23 -4.33
CA MET A 46 -17.28 -7.24 -4.33
CA MET A 46 -17.28 -7.24 -4.33
C MET A 46 -17.35 -7.49 -2.81
N ILE A 47 -17.55 -6.43 -2.01
CA ILE A 47 -17.74 -6.64 -0.55
C ILE A 47 -19.04 -6.04 0.02
N THR A 48 -19.91 -5.54 -0.87
CA THR A 48 -21.15 -4.91 -0.45
C THR A 48 -22.02 -5.89 0.35
N HIS A 49 -22.11 -7.14 -0.07
CA HIS A 49 -22.92 -8.13 0.65
C HIS A 49 -22.37 -8.42 2.05
N LEU A 50 -21.03 -8.49 2.17
CA LEU A 50 -20.40 -8.70 3.47
C LEU A 50 -20.61 -7.50 4.39
N VAL A 51 -20.36 -6.30 3.88
CA VAL A 51 -20.53 -5.06 4.67
C VAL A 51 -21.99 -4.92 5.11
N ASP A 52 -22.93 -5.13 4.20
CA ASP A 52 -24.35 -5.02 4.55
C ASP A 52 -24.74 -6.00 5.63
N SER A 53 -24.36 -7.26 5.47
CA SER A 53 -24.66 -8.29 6.49
C SER A 53 -24.06 -7.95 7.86
N ILE A 54 -22.85 -7.40 7.87
CA ILE A 54 -22.18 -7.05 9.13
C ILE A 54 -22.92 -5.90 9.80
N ASN A 55 -23.14 -4.82 9.05
CA ASN A 55 -23.90 -3.70 9.60
C ASN A 55 -25.30 -4.05 10.09
N LEU A 56 -26.02 -4.91 9.37
CA LEU A 56 -27.40 -5.29 9.76
C LEU A 56 -27.44 -6.10 11.07
N LEU A 57 -26.52 -7.05 11.25
CA LEU A 57 -26.37 -7.77 12.53
C LEU A 57 -25.95 -6.83 13.66
N GLY A 58 -25.06 -5.89 13.36
CA GLY A 58 -24.66 -4.83 14.30
C GLY A 58 -23.85 -5.24 15.53
N LYS A 59 -23.23 -6.41 15.48
CA LYS A 59 -22.39 -6.87 16.61
C LYS A 59 -20.92 -6.54 16.38
N THR A 60 -20.53 -6.45 15.13
CA THR A 60 -19.19 -6.01 14.76
C THR A 60 -19.34 -4.60 14.22
N LYS A 61 -18.62 -3.66 14.82
CA LYS A 61 -18.65 -2.26 14.42
C LYS A 61 -17.71 -2.10 13.22
N LEU A 62 -18.26 -1.65 12.11
CA LEU A 62 -17.52 -1.47 10.86
C LEU A 62 -17.34 0.02 10.59
N VAL A 63 -16.09 0.45 10.45
CA VAL A 63 -15.71 1.86 10.27
C VAL A 63 -15.08 2.09 8.90
N SER A 64 -15.61 3.06 8.16
CA SER A 64 -15.12 3.38 6.80
CA SER A 64 -15.12 3.39 6.82
C SER A 64 -13.87 4.24 6.90
N MET A 65 -12.85 3.89 6.11
CA MET A 65 -11.58 4.63 6.11
C MET A 65 -11.22 4.95 4.68
N HIS A 66 -10.26 5.83 4.45
CA HIS A 66 -9.96 6.25 3.07
C HIS A 66 -9.04 5.36 2.23
N HIS A 67 -8.26 4.51 2.87
CA HIS A 67 -7.26 3.70 2.21
C HIS A 67 -7.27 2.34 2.89
N GLU A 68 -7.28 1.24 2.12
CA GLU A 68 -7.29 -0.07 2.74
C GLU A 68 -6.03 -0.31 3.56
N GLN A 69 -4.94 0.37 3.23
CA GLN A 69 -3.79 0.30 4.11
C GLN A 69 -4.10 0.82 5.50
N GLY A 70 -4.79 1.96 5.58
CA GLY A 70 -5.23 2.46 6.84
C GLY A 70 -6.17 1.49 7.53
N ALA A 71 -7.11 0.92 6.79
CA ALA A 71 -8.02 -0.07 7.34
C ALA A 71 -7.23 -1.24 7.94
N ALA A 72 -6.24 -1.72 7.22
CA ALA A 72 -5.42 -2.81 7.69
C ALA A 72 -4.68 -2.47 8.99
N PHE A 73 -4.07 -1.27 9.05
CA PHE A 73 -3.38 -0.89 10.29
C PHE A 73 -4.39 -0.74 11.44
N ALA A 74 -5.56 -0.23 11.13
CA ALA A 74 -6.57 -0.05 12.19
C ALA A 74 -7.03 -1.41 12.70
N ALA A 75 -7.31 -2.31 11.78
CA ALA A 75 -7.74 -3.64 12.16
C ALA A 75 -6.66 -4.31 13.04
N SER A 76 -5.40 -4.13 12.70
CA SER A 76 -4.33 -4.79 13.45
CA SER A 76 -4.31 -4.77 13.45
C SER A 76 -4.30 -4.28 14.89
N ALA A 77 -4.67 -3.03 15.07
CA ALA A 77 -4.56 -2.37 16.40
C ALA A 77 -5.60 -2.87 17.37
N VAL A 78 -6.62 -3.57 16.86
CA VAL A 78 -7.69 -4.11 17.70
C VAL A 78 -7.13 -5.17 18.64
N SER A 79 -6.48 -6.19 18.10
CA SER A 79 -5.83 -7.19 18.96
C SER A 79 -4.68 -6.59 19.76
N ARG A 80 -3.94 -5.65 19.19
CA ARG A 80 -2.88 -5.00 19.92
C ARG A 80 -3.43 -4.28 21.19
N VAL A 81 -4.46 -3.47 21.06
CA VAL A 81 -4.92 -2.64 22.18
C VAL A 81 -5.68 -3.48 23.21
N THR A 82 -6.21 -4.64 22.79
CA THR A 82 -6.90 -5.51 23.71
C THR A 82 -6.04 -6.69 24.18
N HIS A 83 -4.74 -6.67 23.91
CA HIS A 83 -3.82 -7.69 24.37
CA HIS A 83 -3.82 -7.69 24.37
C HIS A 83 -4.25 -9.07 23.85
N HIS A 84 -4.71 -9.09 22.60
CA HIS A 84 -5.14 -10.29 21.87
C HIS A 84 -6.47 -10.87 22.35
N LYS A 85 -7.19 -10.17 23.22
CA LYS A 85 -8.50 -10.69 23.65
C LYS A 85 -9.59 -10.49 22.59
N THR A 86 -9.45 -9.46 21.79
CA THR A 86 -10.43 -9.13 20.76
C THR A 86 -9.70 -9.03 19.42
N LEU A 87 -10.27 -9.57 18.35
CA LEU A 87 -9.65 -9.49 17.04
C LEU A 87 -10.28 -8.43 16.13
N GLY A 88 -9.43 -7.86 15.29
CA GLY A 88 -9.87 -6.93 14.29
C GLY A 88 -10.07 -7.61 12.95
N LEU A 89 -10.80 -6.90 12.10
CA LEU A 89 -11.15 -7.32 10.74
C LEU A 89 -10.89 -6.18 9.75
N ALA A 90 -10.22 -6.49 8.64
CA ALA A 90 -10.17 -5.54 7.52
C ALA A 90 -10.80 -6.23 6.30
N LEU A 91 -11.69 -5.47 5.62
CA LEU A 91 -12.42 -5.93 4.43
C LEU A 91 -12.00 -5.09 3.24
N ALA A 92 -11.77 -5.74 2.12
CA ALA A 92 -11.36 -5.06 0.91
C ALA A 92 -11.88 -5.76 -0.32
N THR A 93 -12.10 -4.99 -1.37
CA THR A 93 -12.47 -5.55 -2.66
C THR A 93 -11.23 -6.18 -3.33
N SER A 94 -11.51 -7.05 -4.29
CA SER A 94 -10.45 -7.70 -5.07
CA SER A 94 -10.47 -7.68 -5.09
C SER A 94 -9.66 -6.63 -5.80
N GLY A 95 -8.43 -7.00 -6.19
CA GLY A 95 -7.60 -6.14 -6.98
C GLY A 95 -6.97 -5.13 -6.06
N PRO A 96 -7.20 -3.86 -6.32
CA PRO A 96 -6.45 -2.85 -5.56
C PRO A 96 -6.84 -2.77 -4.09
N GLY A 97 -8.06 -3.15 -3.73
CA GLY A 97 -8.37 -3.29 -2.31
C GLY A 97 -7.40 -4.26 -1.64
N ALA A 98 -7.29 -5.47 -2.18
CA ALA A 98 -6.43 -6.49 -1.61
C ALA A 98 -4.98 -6.07 -1.62
N THR A 99 -4.49 -5.47 -2.71
CA THR A 99 -3.07 -5.13 -2.75
C THR A 99 -2.79 -4.01 -1.70
N ASN A 100 -3.76 -3.13 -1.45
CA ASN A 100 -3.60 -2.09 -0.43
C ASN A 100 -3.55 -2.57 1.02
N LEU A 101 -4.00 -3.82 1.30
CA LEU A 101 -3.96 -4.36 2.64
C LEU A 101 -2.56 -4.81 3.02
N ILE A 102 -1.70 -5.04 2.04
CA ILE A 102 -0.53 -5.93 2.24
C ILE A 102 0.44 -5.46 3.33
N THR A 103 0.71 -4.17 3.40
CA THR A 103 1.64 -3.71 4.41
C THR A 103 1.17 -4.01 5.83
N GLY A 104 -0.13 -3.83 6.07
CA GLY A 104 -0.72 -4.17 7.36
C GLY A 104 -0.71 -5.67 7.67
N ILE A 105 -0.96 -6.50 6.65
CA ILE A 105 -0.90 -7.94 6.82
C ILE A 105 0.53 -8.30 7.26
N ALA A 106 1.52 -7.75 6.55
CA ALA A 106 2.90 -8.10 6.80
C ALA A 106 3.31 -7.68 8.21
N ASP A 107 2.79 -6.55 8.70
CA ASP A 107 3.06 -6.09 10.07
C ASP A 107 2.54 -7.11 11.08
N CYS A 108 1.31 -7.55 10.88
CA CYS A 108 0.70 -8.56 11.76
C CYS A 108 1.47 -9.85 11.76
N TRP A 109 1.94 -10.23 10.58
CA TRP A 109 2.82 -11.40 10.43
C TRP A 109 4.13 -11.27 11.17
N LEU A 110 4.90 -10.21 10.91
CA LEU A 110 6.21 -10.12 11.55
C LEU A 110 6.14 -9.83 13.07
N ASP A 111 5.09 -9.17 13.55
CA ASP A 111 4.91 -8.93 15.02
C ASP A 111 3.96 -9.92 15.69
N SER A 112 3.46 -10.90 14.93
CA SER A 112 2.65 -11.97 15.51
C SER A 112 1.43 -11.49 16.28
N HIS A 113 0.66 -10.58 15.68
CA HIS A 113 -0.63 -10.14 16.19
C HIS A 113 -1.75 -10.73 15.37
N PRO A 114 -2.80 -11.24 16.01
CA PRO A 114 -3.87 -11.85 15.24
C PRO A 114 -4.77 -10.81 14.58
N CYS A 115 -5.24 -11.09 13.38
CA CYS A 115 -6.11 -10.18 12.67
C CYS A 115 -6.72 -10.95 11.50
N ILE A 116 -7.97 -10.64 11.18
CA ILE A 116 -8.70 -11.28 10.11
C ILE A 116 -8.78 -10.35 8.90
N PHE A 117 -8.47 -10.91 7.73
CA PHE A 117 -8.59 -10.17 6.50
C PHE A 117 -9.56 -10.88 5.57
N LEU A 118 -10.58 -10.19 5.10
CA LEU A 118 -11.52 -10.76 4.13
C LEU A 118 -11.46 -9.94 2.84
N THR A 119 -11.23 -10.60 1.71
CA THR A 119 -11.28 -9.93 0.41
C THR A 119 -12.46 -10.47 -0.37
N GLY A 120 -13.22 -9.57 -0.98
CA GLY A 120 -14.29 -9.99 -1.90
C GLY A 120 -13.74 -10.21 -3.29
N GLN A 121 -14.17 -11.27 -3.94
CA GLN A 121 -13.63 -11.69 -5.21
C GLN A 121 -14.73 -11.66 -6.25
N VAL A 122 -14.31 -11.63 -7.51
CA VAL A 122 -15.26 -11.77 -8.62
C VAL A 122 -16.00 -13.10 -8.51
N ASN A 123 -17.12 -13.20 -9.21
CA ASN A 123 -17.88 -14.45 -9.26
C ASN A 123 -17.02 -15.62 -9.67
N THR A 124 -17.26 -16.80 -9.08
CA THR A 124 -16.46 -17.99 -9.43
C THR A 124 -16.37 -18.26 -10.93
N HIS A 125 -17.43 -17.98 -11.67
CA HIS A 125 -17.47 -18.25 -13.11
C HIS A 125 -16.78 -17.16 -13.93
N GLU A 126 -16.28 -16.13 -13.24
CA GLU A 126 -15.56 -15.03 -13.88
C GLU A 126 -14.07 -15.08 -13.53
N LEU A 127 -13.64 -16.03 -12.71
CA LEU A 127 -12.24 -16.22 -12.41
C LEU A 127 -11.50 -16.74 -13.62
N LYS A 128 -10.23 -16.36 -13.74
CA LYS A 128 -9.42 -16.82 -14.87
C LYS A 128 -9.01 -18.29 -14.77
N GLY A 129 -9.01 -18.83 -13.54
CA GLY A 129 -8.55 -20.18 -13.28
C GLY A 129 -7.12 -20.39 -13.79
N LYS A 130 -6.96 -21.39 -14.64
CA LYS A 130 -5.67 -21.73 -15.19
C LYS A 130 -5.44 -21.22 -16.60
N ARG A 131 -6.35 -20.38 -17.12
CA ARG A 131 -6.17 -19.85 -18.46
C ARG A 131 -5.00 -18.93 -18.48
N ASP A 132 -4.23 -18.95 -19.56
CA ASP A 132 -3.07 -18.08 -19.63
C ASP A 132 -3.47 -16.68 -20.10
N ILE A 133 -4.07 -15.97 -19.15
CA ILE A 133 -4.43 -14.56 -19.26
C ILE A 133 -4.09 -13.90 -17.92
N ARG A 134 -3.89 -12.57 -17.91
CA ARG A 134 -3.53 -11.91 -16.64
C ARG A 134 -4.73 -11.70 -15.75
N GLN A 135 -5.90 -11.57 -16.36
CA GLN A 135 -7.15 -11.49 -15.61
C GLN A 135 -8.30 -11.84 -16.50
N GLN A 136 -9.43 -12.21 -15.91
CA GLN A 136 -10.64 -12.44 -16.64
C GLN A 136 -11.68 -11.41 -16.21
N GLY A 137 -12.16 -11.54 -14.98
CA GLY A 137 -13.15 -10.60 -14.47
C GLY A 137 -12.58 -9.21 -14.23
N PHE A 138 -13.49 -8.24 -14.21
CA PHE A 138 -13.16 -6.88 -13.86
C PHE A 138 -12.55 -6.81 -12.45
N GLN A 139 -11.36 -6.20 -12.36
CA GLN A 139 -10.59 -6.04 -11.11
C GLN A 139 -10.24 -7.38 -10.42
N GLU A 140 -10.21 -8.45 -11.20
CA GLU A 140 -9.84 -9.76 -10.64
C GLU A 140 -8.35 -9.83 -10.32
N LEU A 141 -8.03 -10.25 -9.11
CA LEU A 141 -6.64 -10.50 -8.77
C LEU A 141 -6.63 -11.58 -7.70
N ASP A 142 -5.73 -12.55 -7.82
N ASP A 142 -5.73 -12.53 -7.83
CA ASP A 142 -5.67 -13.61 -6.79
CA ASP A 142 -5.59 -13.62 -6.82
C ASP A 142 -4.97 -13.07 -5.56
C ASP A 142 -4.95 -13.07 -5.55
N SER A 143 -5.74 -12.83 -4.51
CA SER A 143 -5.17 -12.26 -3.28
CA SER A 143 -5.20 -12.28 -3.25
C SER A 143 -4.38 -13.30 -2.48
N VAL A 144 -4.81 -14.56 -2.53
CA VAL A 144 -4.10 -15.62 -1.84
C VAL A 144 -2.64 -15.72 -2.27
N ALA A 145 -2.41 -15.64 -3.58
CA ALA A 145 -1.06 -15.74 -4.09
C ALA A 145 -0.18 -14.59 -3.62
N LEU A 146 -0.79 -13.42 -3.42
CA LEU A 146 -0.05 -12.27 -2.93
C LEU A 146 0.36 -12.44 -1.47
N VAL A 147 -0.47 -13.08 -0.65
CA VAL A 147 -0.25 -13.03 0.81
C VAL A 147 0.14 -14.38 1.43
N THR A 148 0.29 -15.42 0.61
CA THR A 148 0.63 -16.73 1.16
C THR A 148 1.91 -16.74 2.04
N SER A 149 2.90 -15.94 1.65
CA SER A 149 4.18 -15.87 2.39
C SER A 149 4.12 -15.08 3.69
N ILE A 150 3.02 -14.36 3.91
CA ILE A 150 2.90 -13.48 5.08
C ILE A 150 1.59 -13.69 5.85
N THR A 151 1.03 -14.89 5.74
CA THR A 151 -0.14 -15.27 6.57
C THR A 151 0.04 -16.66 7.15
N LYS A 152 -0.69 -16.92 8.24
CA LYS A 152 -0.77 -18.24 8.81
C LYS A 152 -1.69 -19.16 7.99
N TYR A 153 -2.63 -18.55 7.27
CA TYR A 153 -3.64 -19.25 6.50
C TYR A 153 -4.19 -18.26 5.48
N ALA A 154 -4.25 -18.69 4.22
CA ALA A 154 -4.84 -17.92 3.16
C ALA A 154 -5.51 -18.88 2.19
N TYR A 155 -6.79 -18.67 1.93
CA TYR A 155 -7.55 -19.58 1.08
C TYR A 155 -8.70 -18.86 0.37
N GLN A 156 -8.94 -19.27 -0.88
CA GLN A 156 -10.07 -18.79 -1.62
C GLN A 156 -11.16 -19.84 -1.58
N ILE A 157 -12.32 -19.42 -1.10
CA ILE A 157 -13.45 -20.33 -1.05
C ILE A 157 -13.86 -20.75 -2.47
N LYS A 158 -14.02 -22.06 -2.67
CA LYS A 158 -14.37 -22.66 -3.94
C LYS A 158 -15.85 -23.05 -4.00
N SER A 159 -16.43 -23.35 -2.84
CA SER A 159 -17.83 -23.77 -2.76
CA SER A 159 -17.81 -23.80 -2.74
C SER A 159 -18.45 -23.25 -1.48
N ALA A 160 -19.72 -22.86 -1.57
CA ALA A 160 -20.39 -22.26 -0.42
C ALA A 160 -20.37 -23.14 0.83
N ASP A 161 -20.33 -24.47 0.65
CA ASP A 161 -20.28 -25.39 1.79
CA ASP A 161 -20.28 -25.39 1.80
C ASP A 161 -18.96 -25.35 2.58
N GLU A 162 -17.92 -24.73 2.02
CA GLU A 162 -16.60 -24.61 2.67
C GLU A 162 -16.51 -23.38 3.57
N LEU A 163 -17.40 -22.42 3.35
CA LEU A 163 -17.25 -21.07 3.92
C LEU A 163 -17.24 -21.08 5.45
N VAL A 164 -18.25 -21.71 6.04
CA VAL A 164 -18.36 -21.72 7.49
C VAL A 164 -17.18 -22.42 8.16
N PRO A 165 -16.89 -23.68 7.77
CA PRO A 165 -15.74 -24.34 8.43
C PRO A 165 -14.42 -23.66 8.14
N CYS A 166 -14.22 -23.13 6.93
CA CYS A 166 -12.96 -22.45 6.64
C CYS A 166 -12.79 -21.17 7.44
N LEU A 167 -13.87 -20.41 7.62
CA LEU A 167 -13.81 -19.16 8.40
C LEU A 167 -13.52 -19.45 9.87
N ARG A 168 -14.24 -20.42 10.45
CA ARG A 168 -13.94 -20.84 11.82
C ARG A 168 -12.49 -21.27 11.95
N LYS A 169 -12.01 -22.07 11.00
CA LYS A 169 -10.62 -22.56 11.00
CA LYS A 169 -10.62 -22.55 11.01
C LYS A 169 -9.64 -21.39 10.96
N ALA A 170 -9.90 -20.45 10.07
CA ALA A 170 -9.02 -19.30 9.92
C ALA A 170 -8.93 -18.48 11.20
N ILE A 171 -10.07 -18.23 11.85
CA ILE A 171 -10.06 -17.43 13.07
C ILE A 171 -9.26 -18.15 14.17
N GLN A 172 -9.51 -19.46 14.32
CA GLN A 172 -8.74 -20.30 15.23
C GLN A 172 -7.26 -20.22 14.97
N ILE A 173 -6.87 -20.30 13.70
CA ILE A 173 -5.45 -20.31 13.35
C ILE A 173 -4.80 -18.95 13.66
N ALA A 174 -5.55 -17.88 13.43
CA ALA A 174 -5.04 -16.52 13.74
C ALA A 174 -4.66 -16.37 15.19
N LYS A 175 -5.53 -16.87 16.05
CA LYS A 175 -5.36 -16.74 17.51
C LYS A 175 -4.35 -17.68 18.10
N GLU A 176 -4.22 -18.88 17.55
CA GLU A 176 -3.51 -19.95 18.26
C GLU A 176 -1.99 -19.83 18.21
N GLY A 177 -1.34 -20.41 19.22
CA GLY A 177 0.14 -20.46 19.30
C GLY A 177 0.78 -19.11 19.11
N ARG A 178 1.67 -19.00 18.10
CA ARG A 178 2.24 -17.73 17.73
C ARG A 178 1.25 -17.08 16.80
N PRO A 179 0.57 -16.04 17.29
CA PRO A 179 -0.54 -15.51 16.49
C PRO A 179 -0.15 -14.91 15.15
N GLY A 180 -1.13 -14.60 14.31
CA GLY A 180 -0.84 -13.80 13.11
C GLY A 180 -2.04 -13.58 12.25
N PRO A 181 -1.83 -13.05 11.06
CA PRO A 181 -2.95 -12.72 10.19
C PRO A 181 -3.34 -13.92 9.35
N VAL A 182 -4.62 -13.94 8.98
CA VAL A 182 -5.20 -14.92 8.07
C VAL A 182 -6.03 -14.18 7.03
N LEU A 183 -6.21 -14.78 5.87
CA LEU A 183 -7.03 -14.17 4.83
C LEU A 183 -7.92 -15.18 4.19
N LEU A 184 -9.19 -14.82 4.00
CA LEU A 184 -10.09 -15.58 3.14
C LEU A 184 -10.53 -14.70 2.00
N ASP A 185 -10.50 -15.28 0.81
CA ASP A 185 -10.94 -14.62 -0.41
C ASP A 185 -12.28 -15.26 -0.77
N ILE A 186 -13.32 -14.43 -0.88
CA ILE A 186 -14.69 -14.88 -1.04
C ILE A 186 -15.38 -14.35 -2.31
N PRO A 187 -15.51 -15.20 -3.35
CA PRO A 187 -16.22 -14.81 -4.58
C PRO A 187 -17.62 -14.31 -4.30
N MET A 188 -18.04 -13.28 -5.03
CA MET A 188 -19.33 -12.65 -4.79
C MET A 188 -20.50 -13.62 -4.85
N ASP A 189 -20.49 -14.56 -5.78
CA ASP A 189 -21.58 -15.55 -5.87
C ASP A 189 -21.68 -16.44 -4.61
N ILE A 190 -20.54 -16.78 -4.01
CA ILE A 190 -20.51 -17.53 -2.78
C ILE A 190 -21.09 -16.68 -1.62
N GLN A 191 -20.78 -15.39 -1.57
CA GLN A 191 -21.35 -14.47 -0.57
C GLN A 191 -22.88 -14.44 -0.61
N ARG A 192 -23.45 -14.63 -1.80
CA ARG A 192 -24.90 -14.54 -2.01
C ARG A 192 -25.60 -15.89 -1.88
N ALA A 193 -24.81 -16.98 -1.83
CA ALA A 193 -25.35 -18.35 -1.74
C ALA A 193 -26.02 -18.66 -0.41
N ASP A 194 -26.88 -19.67 -0.40
CA ASP A 194 -27.44 -20.19 0.86
C ASP A 194 -26.46 -21.19 1.51
N ILE A 195 -26.35 -21.12 2.83
CA ILE A 195 -25.62 -22.15 3.59
C ILE A 195 -26.62 -22.81 4.57
N ASP A 196 -26.25 -23.98 5.11
CA ASP A 196 -27.13 -24.72 6.04
C ASP A 196 -26.99 -24.19 7.47
N GLU A 197 -28.06 -23.57 7.96
CA GLU A 197 -28.04 -22.91 9.25
C GLU A 197 -27.85 -23.90 10.40
N ALA A 198 -28.58 -25.00 10.34
CA ALA A 198 -28.54 -26.00 11.41
C ALA A 198 -27.13 -26.53 11.60
N LEU A 199 -26.42 -26.74 10.49
CA LEU A 199 -25.04 -27.19 10.56
C LEU A 199 -24.13 -26.09 11.12
N LEU A 200 -24.43 -24.83 10.80
CA LEU A 200 -23.72 -23.71 11.40
C LEU A 200 -23.82 -23.81 12.93
N ASN A 201 -24.99 -24.20 13.45
CA ASN A 201 -25.18 -24.38 14.90
C ASN A 201 -24.63 -25.71 15.42
N ASN A 202 -24.68 -26.73 14.57
CA ASN A 202 -24.21 -28.08 14.89
C ASN A 202 -22.80 -28.07 15.52
N PRO A 213 5.66 -30.04 21.72
CA PRO A 213 5.93 -31.24 22.49
C PRO A 213 5.43 -31.14 23.95
N SER A 214 5.66 -32.19 24.71
CA SER A 214 5.23 -32.22 26.10
C SER A 214 6.15 -31.34 26.94
N ILE A 215 5.61 -30.80 28.03
CA ILE A 215 6.41 -30.10 29.04
C ILE A 215 6.92 -31.17 29.98
N ALA A 216 8.18 -31.05 30.41
CA ALA A 216 8.73 -31.97 31.41
C ALA A 216 8.83 -31.26 32.76
N MET A 217 8.25 -31.87 33.79
CA MET A 217 8.36 -31.39 35.17
C MET A 217 9.83 -31.19 35.53
N SER A 218 10.69 -32.09 35.06
CA SER A 218 12.13 -32.01 35.35
C SER A 218 12.76 -30.76 34.73
N ASP A 219 12.30 -30.38 33.55
CA ASP A 219 12.74 -29.11 32.93
C ASP A 219 12.29 -27.90 33.75
N LEU A 220 11.02 -27.86 34.14
CA LEU A 220 10.51 -26.77 35.00
C LEU A 220 11.31 -26.62 36.29
N ASP A 221 11.58 -27.76 36.91
CA ASP A 221 12.38 -27.80 38.13
C ASP A 221 13.81 -27.34 37.89
N PHE A 222 14.40 -27.74 36.77
CA PHE A 222 15.75 -27.30 36.40
C PHE A 222 15.83 -25.78 36.32
N ILE A 223 14.83 -25.17 35.70
CA ILE A 223 14.80 -23.72 35.53
C ILE A 223 14.62 -23.03 36.90
N ILE A 224 13.74 -23.59 37.74
CA ILE A 224 13.56 -23.06 39.09
C ILE A 224 14.90 -23.07 39.84
N ASN A 225 15.61 -24.19 39.74
CA ASN A 225 16.89 -24.36 40.42
C ASN A 225 17.96 -23.39 39.91
N LYS A 226 17.99 -23.15 38.61
CA LYS A 226 18.88 -22.13 38.06
C LYS A 226 18.54 -20.76 38.60
N LEU A 227 17.24 -20.41 38.67
CA LEU A 227 16.83 -19.12 39.23
C LEU A 227 17.22 -18.99 40.69
N GLN A 228 16.88 -19.99 41.49
CA GLN A 228 17.14 -19.89 42.93
C GLN A 228 18.63 -19.76 43.29
N ASN A 229 19.50 -20.40 42.52
CA ASN A 229 20.94 -20.35 42.77
C ASN A 229 21.70 -19.21 42.08
N ALA A 230 21.03 -18.44 41.22
CA ALA A 230 21.65 -17.28 40.58
C ALA A 230 21.88 -16.19 41.60
N LYS A 231 23.03 -15.51 41.53
CA LYS A 231 23.29 -14.35 42.38
C LYS A 231 22.77 -13.06 41.76
N LYS A 232 22.66 -13.06 40.42
CA LYS A 232 22.30 -11.87 39.66
C LYS A 232 21.34 -12.25 38.53
N PRO A 233 20.12 -12.67 38.87
CA PRO A 233 19.17 -13.12 37.84
C PRO A 233 18.54 -11.97 37.08
N LEU A 234 18.19 -12.21 35.81
CA LEU A 234 17.46 -11.22 35.03
C LEU A 234 16.52 -11.92 34.07
N LEU A 235 15.32 -11.36 33.87
CA LEU A 235 14.48 -11.81 32.74
C LEU A 235 14.59 -10.90 31.54
N LEU A 236 14.51 -11.50 30.37
CA LEU A 236 14.26 -10.78 29.14
CA LEU A 236 14.27 -10.78 29.14
C LEU A 236 12.85 -11.12 28.72
N ILE A 237 11.97 -10.13 28.84
CA ILE A 237 10.56 -10.31 28.54
CA ILE A 237 10.57 -10.32 28.53
C ILE A 237 10.36 -9.90 27.09
N GLY A 238 9.95 -10.84 26.25
CA GLY A 238 9.76 -10.58 24.84
C GLY A 238 8.33 -10.55 24.42
N GLY A 239 8.15 -10.30 23.14
CA GLY A 239 6.83 -10.22 22.55
C GLY A 239 5.96 -11.44 22.74
N GLY A 240 6.58 -12.60 22.85
CA GLY A 240 5.83 -13.85 23.02
C GLY A 240 5.21 -14.00 24.39
N ALA A 241 5.68 -13.21 25.35
CA ALA A 241 5.25 -13.33 26.74
C ALA A 241 4.05 -12.44 27.00
N VAL A 242 4.13 -11.20 26.55
CA VAL A 242 3.30 -10.15 27.16
C VAL A 242 1.81 -10.18 26.80
N ASN A 243 1.48 -10.77 25.65
CA ASN A 243 0.09 -10.94 25.21
C ASN A 243 -0.44 -12.34 25.41
N SER A 244 0.36 -13.19 26.05
CA SER A 244 -0.05 -14.53 26.40
C SER A 244 -0.85 -14.50 27.71
N SER A 245 -1.92 -15.29 27.80
CA SER A 245 -2.77 -15.27 28.97
CA SER A 245 -2.77 -15.27 28.97
C SER A 245 -1.98 -15.53 30.26
N GLY A 246 -2.26 -14.73 31.30
CA GLY A 246 -1.63 -14.91 32.61
C GLY A 246 -0.35 -14.14 32.81
N PHE A 247 0.11 -13.41 31.81
CA PHE A 247 1.39 -12.77 31.93
C PHE A 247 1.47 -11.78 33.10
N GLN A 248 0.53 -10.84 33.20
CA GLN A 248 0.67 -9.80 34.24
C GLN A 248 0.62 -10.37 35.64
N LYS A 249 -0.26 -11.34 35.89
CA LYS A 249 -0.29 -11.98 37.20
C LYS A 249 1.00 -12.74 37.51
N TRP A 250 1.59 -13.37 36.49
CA TRP A 250 2.90 -14.05 36.65
C TRP A 250 3.98 -13.03 36.96
N LEU A 251 4.00 -11.91 36.24
CA LEU A 251 4.99 -10.87 36.52
C LEU A 251 4.84 -10.30 37.93
N GLU A 252 3.61 -10.18 38.43
CA GLU A 252 3.41 -9.71 39.80
C GLU A 252 4.18 -10.57 40.79
N GLN A 253 4.19 -11.86 40.53
CA GLN A 253 4.86 -12.82 41.42
C GLN A 253 6.38 -12.72 41.27
N ILE A 254 6.88 -12.52 40.05
CA ILE A 254 8.28 -12.20 39.85
C ILE A 254 8.72 -10.99 40.71
N GLU A 255 7.91 -9.94 40.69
CA GLU A 255 8.19 -8.75 41.49
C GLU A 255 8.16 -9.06 42.97
N LEU A 256 7.19 -9.86 43.41
CA LEU A 256 7.16 -10.26 44.83
C LEU A 256 8.48 -10.93 45.25
N ARG A 257 9.06 -11.73 44.36
CA ARG A 257 10.36 -12.37 44.63
C ARG A 257 11.57 -11.47 44.41
N GLY A 258 11.34 -10.28 43.85
CA GLY A 258 12.40 -9.29 43.72
C GLY A 258 13.41 -9.59 42.60
N ILE A 259 12.93 -10.18 41.52
CA ILE A 259 13.78 -10.48 40.36
C ILE A 259 13.59 -9.40 39.31
N PRO A 260 14.70 -8.79 38.87
CA PRO A 260 14.58 -7.69 37.90
C PRO A 260 14.46 -8.17 36.45
N TYR A 261 14.13 -7.25 35.54
CA TYR A 261 13.89 -7.64 34.17
C TYR A 261 14.01 -6.47 33.20
N VAL A 262 14.29 -6.83 31.95
CA VAL A 262 14.36 -5.95 30.80
C VAL A 262 13.40 -6.50 29.77
N ALA A 263 13.17 -5.75 28.70
CA ALA A 263 12.29 -6.21 27.65
C ALA A 263 12.75 -5.81 26.28
N SER A 264 12.38 -6.60 25.28
CA SER A 264 12.55 -6.23 23.89
C SER A 264 11.55 -5.13 23.59
N LEU A 265 11.65 -4.48 22.41
CA LEU A 265 10.64 -3.52 22.01
C LEU A 265 9.23 -4.10 22.16
N LYS A 266 9.06 -5.33 21.72
CA LYS A 266 7.70 -5.88 21.69
C LYS A 266 7.23 -6.23 23.11
N GLY A 267 8.15 -6.69 23.97
CA GLY A 267 7.79 -6.87 25.38
C GLY A 267 7.51 -5.57 26.08
N ALA A 268 8.32 -4.56 25.78
CA ALA A 268 8.21 -3.23 26.38
C ALA A 268 6.86 -2.53 26.16
N GLU A 269 6.12 -2.94 25.13
CA GLU A 269 4.81 -2.39 24.82
C GLU A 269 3.82 -2.48 25.99
N LYS A 270 3.98 -3.51 26.82
CA LYS A 270 2.96 -3.89 27.78
C LYS A 270 3.39 -3.93 29.23
N ILE A 271 4.55 -3.36 29.53
CA ILE A 271 5.14 -3.43 30.86
C ILE A 271 5.07 -2.10 31.57
N LYS A 272 4.38 -2.10 32.71
CA LYS A 272 4.27 -0.94 33.56
C LYS A 272 5.63 -0.60 34.21
N ALA A 273 5.90 0.70 34.30
CA ALA A 273 7.10 1.20 34.95
C ALA A 273 7.18 0.64 36.38
N SER A 274 8.38 0.22 36.76
CA SER A 274 8.67 -0.36 38.07
CA SER A 274 8.67 -0.33 38.10
C SER A 274 10.17 -0.25 38.35
N ASP A 275 10.56 -0.20 39.63
CA ASP A 275 11.98 -0.16 39.98
C ASP A 275 12.73 -1.41 39.53
N LEU A 276 12.00 -2.50 39.37
CA LEU A 276 12.61 -3.75 38.91
C LEU A 276 12.69 -3.87 37.39
N TYR A 277 11.99 -3.00 36.66
CA TYR A 277 11.98 -2.98 35.20
C TYR A 277 12.97 -1.95 34.69
N LEU A 278 14.06 -2.42 34.10
CA LEU A 278 15.11 -1.49 33.67
C LEU A 278 14.91 -0.86 32.31
N GLY A 279 13.83 -1.23 31.64
CA GLY A 279 13.48 -0.68 30.32
C GLY A 279 13.82 -1.64 29.21
N MET A 280 13.79 -1.09 27.99
CA MET A 280 14.06 -1.84 26.79
C MET A 280 15.57 -2.09 26.68
N LEU A 281 15.96 -3.28 26.21
CA LEU A 281 17.38 -3.56 25.90
C LEU A 281 17.66 -3.29 24.42
N GLY A 282 18.94 -3.36 24.05
CA GLY A 282 19.35 -3.39 22.63
C GLY A 282 19.92 -2.09 22.14
N ALA A 283 19.96 -1.95 20.81
CA ALA A 283 20.70 -0.87 20.16
C ALA A 283 20.29 0.49 20.70
N TYR A 284 18.98 0.67 20.88
CA TYR A 284 18.42 1.93 21.36
C TYR A 284 17.89 1.81 22.79
N GLY A 285 18.18 0.69 23.43
CA GLY A 285 17.64 0.45 24.76
C GLY A 285 18.29 1.31 25.80
N THR A 286 17.77 1.27 27.02
CA THR A 286 18.37 2.04 28.08
C THR A 286 19.77 1.51 28.42
N ARG A 287 20.65 2.42 28.80
CA ARG A 287 21.98 2.03 29.23
C ARG A 287 21.89 1.06 30.43
N ALA A 288 20.90 1.27 31.30
CA ALA A 288 20.73 0.41 32.49
C ALA A 288 20.30 -1.00 32.13
N ALA A 289 19.42 -1.12 31.14
CA ALA A 289 18.91 -2.44 30.72
C ALA A 289 20.05 -3.22 30.08
N ASN A 290 20.80 -2.56 29.20
CA ASN A 290 21.96 -3.19 28.61
C ASN A 290 23.05 -3.56 29.62
N HIS A 291 23.24 -2.70 30.60
CA HIS A 291 24.17 -3.02 31.70
C HIS A 291 23.71 -4.29 32.42
N ALA A 292 22.42 -4.36 32.75
CA ALA A 292 21.88 -5.54 33.45
C ALA A 292 22.13 -6.82 32.65
N VAL A 293 21.86 -6.76 31.36
CA VAL A 293 22.03 -7.95 30.50
C VAL A 293 23.48 -8.40 30.48
N GLN A 294 24.41 -7.46 30.39
CA GLN A 294 25.82 -7.85 30.33
C GLN A 294 26.48 -8.17 31.67
N ASN A 295 25.76 -8.00 32.79
CA ASN A 295 26.33 -8.32 34.12
C ASN A 295 25.56 -9.37 34.93
N CYS A 296 24.40 -9.78 34.45
CA CYS A 296 23.63 -10.84 35.10
C CYS A 296 24.38 -12.18 35.00
N ASP A 297 24.09 -13.10 35.92
CA ASP A 297 24.67 -14.45 35.85
C ASP A 297 23.67 -15.49 35.36
N LEU A 298 22.40 -15.11 35.24
CA LEU A 298 21.40 -15.97 34.63
C LEU A 298 20.40 -15.08 33.90
N LEU A 299 20.23 -15.34 32.61
CA LEU A 299 19.24 -14.62 31.80
C LEU A 299 18.18 -15.59 31.35
N LEU A 300 16.95 -15.36 31.79
CA LEU A 300 15.79 -16.14 31.40
C LEU A 300 14.99 -15.39 30.35
N VAL A 301 15.06 -15.89 29.12
CA VAL A 301 14.50 -15.24 27.96
C VAL A 301 13.15 -15.87 27.63
N LEU A 302 12.12 -15.03 27.66
CA LEU A 302 10.73 -15.45 27.49
C LEU A 302 10.12 -14.88 26.20
N GLY A 303 10.08 -15.70 25.17
CA GLY A 303 9.50 -15.31 23.89
C GLY A 303 10.14 -14.12 23.22
N SER A 304 11.47 -14.16 23.10
CA SER A 304 12.17 -13.16 22.30
C SER A 304 13.00 -13.83 21.23
N ARG A 305 13.04 -13.21 20.05
CA ARG A 305 13.85 -13.72 18.95
C ARG A 305 15.36 -13.46 19.14
N MET A 306 15.74 -12.50 20.00
CA MET A 306 17.14 -12.06 20.16
C MET A 306 17.74 -11.76 18.79
N ASP A 307 17.02 -10.91 18.08
CA ASP A 307 17.45 -10.41 16.78
C ASP A 307 18.54 -9.35 16.93
N VAL A 308 19.04 -8.84 15.80
CA VAL A 308 20.15 -7.94 15.80
C VAL A 308 19.89 -6.64 16.57
N ARG A 309 18.65 -6.17 16.61
CA ARG A 309 18.33 -4.96 17.37
C ARG A 309 18.45 -5.18 18.85
N GLN A 310 18.24 -6.42 19.33
CA GLN A 310 18.39 -6.73 20.76
C GLN A 310 19.83 -6.98 21.18
N THR A 311 20.61 -7.62 20.30
CA THR A 311 21.95 -8.12 20.62
C THR A 311 23.08 -7.30 20.01
N GLY A 312 22.78 -6.49 19.02
CA GLY A 312 23.85 -5.89 18.21
C GLY A 312 24.54 -6.92 17.34
N ALA A 313 25.71 -6.57 16.83
CA ALA A 313 26.38 -7.41 15.84
C ALA A 313 27.20 -8.55 16.44
N GLN A 314 27.35 -8.59 17.77
CA GLN A 314 28.06 -9.74 18.39
C GLN A 314 27.13 -10.58 19.28
N PRO A 315 26.26 -11.39 18.65
CA PRO A 315 25.43 -12.24 19.49
C PRO A 315 26.23 -13.17 20.39
N GLU A 316 27.44 -13.56 19.98
CA GLU A 316 28.29 -14.42 20.82
C GLU A 316 28.63 -13.77 22.18
N ASP A 317 28.55 -12.43 22.23
CA ASP A 317 28.84 -11.66 23.43
C ASP A 317 27.59 -11.35 24.26
N PHE A 318 26.41 -11.75 23.79
CA PHE A 318 25.13 -11.46 24.48
C PHE A 318 25.07 -12.10 25.87
N ALA A 319 24.80 -11.26 26.87
CA ALA A 319 24.77 -11.68 28.26
C ALA A 319 26.03 -12.46 28.62
N ARG A 320 27.18 -11.83 28.40
CA ARG A 320 28.49 -12.52 28.48
C ARG A 320 28.85 -13.18 29.81
N ASN A 321 28.28 -12.69 30.90
CA ASN A 321 28.57 -13.24 32.22
C ASN A 321 27.51 -14.23 32.69
N ALA A 322 26.56 -14.55 31.83
CA ALA A 322 25.39 -15.33 32.23
C ALA A 322 25.32 -16.68 31.53
N GLU A 323 24.62 -17.62 32.18
CA GLU A 323 24.01 -18.73 31.48
C GLU A 323 22.68 -18.22 30.98
N ILE A 324 22.33 -18.58 29.75
CA ILE A 324 21.10 -18.13 29.11
C ILE A 324 20.17 -19.33 28.97
N ILE A 325 18.93 -19.13 29.42
CA ILE A 325 17.82 -20.06 29.21
C ILE A 325 16.86 -19.35 28.27
N GLN A 326 16.49 -20.02 27.17
CA GLN A 326 15.51 -19.45 26.26
C GLN A 326 14.28 -20.35 26.20
N ILE A 327 13.12 -19.75 26.37
CA ILE A 327 11.83 -20.44 26.21
C ILE A 327 11.08 -19.84 25.03
N ASP A 328 10.71 -20.69 24.09
CA ASP A 328 10.02 -20.28 22.87
C ASP A 328 9.15 -21.43 22.38
N LEU A 329 8.03 -21.09 21.76
CA LEU A 329 7.14 -22.08 21.17
C LEU A 329 7.70 -22.66 19.90
N GLN A 330 8.56 -21.88 19.25
CA GLN A 330 8.95 -22.17 17.88
C GLN A 330 10.39 -22.66 17.84
N GLU A 331 10.57 -23.93 17.46
CA GLU A 331 11.90 -24.54 17.44
C GLU A 331 12.92 -23.72 16.63
N GLY A 332 12.46 -23.16 15.50
CA GLY A 332 13.30 -22.34 14.64
C GLY A 332 13.85 -21.07 15.28
N GLN A 333 13.14 -20.54 16.27
CA GLN A 333 13.57 -19.35 17.01
C GLN A 333 14.50 -19.69 18.20
N LEU A 334 14.58 -20.98 18.54
CA LEU A 334 15.60 -21.47 19.46
C LEU A 334 16.87 -21.78 18.68
N ASN A 335 18.01 -21.72 19.38
CA ASN A 335 19.32 -22.05 18.80
C ASN A 335 19.58 -21.32 17.50
N ASN A 336 19.21 -20.04 17.48
CA ASN A 336 19.25 -19.25 16.25
C ASN A 336 20.46 -18.31 16.23
N ARG A 337 20.26 -17.03 16.52
CA ARG A 337 21.37 -16.10 16.58
C ARG A 337 22.16 -16.27 17.86
N VAL A 338 21.43 -16.26 18.97
CA VAL A 338 22.00 -16.54 20.29
C VAL A 338 21.70 -17.99 20.63
N ILE A 339 22.74 -18.77 20.85
CA ILE A 339 22.57 -20.17 21.25
C ILE A 339 22.50 -20.23 22.77
N ALA A 340 21.29 -20.48 23.30
CA ALA A 340 21.15 -20.51 24.74
C ALA A 340 21.89 -21.73 25.34
N ASP A 341 22.30 -21.59 26.58
CA ASP A 341 22.88 -22.73 27.30
C ASP A 341 21.84 -23.83 27.45
N PHE A 342 20.58 -23.43 27.67
CA PHE A 342 19.44 -24.34 27.84
C PHE A 342 18.24 -23.77 27.11
N SER A 343 17.69 -24.56 26.20
CA SER A 343 16.57 -24.15 25.36
CA SER A 343 16.57 -24.15 25.37
C SER A 343 15.41 -25.10 25.60
N TYR A 344 14.21 -24.52 25.70
CA TYR A 344 12.99 -25.25 25.97
C TYR A 344 11.86 -24.80 25.05
N GLN A 345 11.27 -25.78 24.35
CA GLN A 345 10.11 -25.51 23.52
C GLN A 345 8.83 -25.63 24.36
N ILE A 346 8.34 -24.48 24.80
CA ILE A 346 7.15 -24.37 25.66
C ILE A 346 6.33 -23.14 25.20
N GLU A 347 5.02 -23.31 25.10
CA GLU A 347 4.11 -22.20 24.87
C GLU A 347 3.97 -21.42 26.17
N LEU A 348 4.13 -20.11 26.12
CA LEU A 348 4.27 -19.31 27.34
C LEU A 348 3.04 -19.22 28.26
N SER A 349 1.83 -19.17 27.70
CA SER A 349 0.66 -19.21 28.60
C SER A 349 0.65 -20.49 29.42
N GLU A 350 1.06 -21.60 28.82
CA GLU A 350 1.20 -22.87 29.58
C GLU A 350 2.30 -22.76 30.62
N TYR A 351 3.44 -22.23 30.21
CA TYR A 351 4.54 -22.01 31.15
C TYR A 351 4.10 -21.18 32.36
N PHE A 352 3.33 -20.11 32.13
CA PHE A 352 2.95 -19.20 33.22
C PHE A 352 2.01 -19.86 34.21
N SER A 353 1.18 -20.78 33.74
CA SER A 353 0.33 -21.54 34.65
CA SER A 353 0.33 -21.55 34.65
C SER A 353 1.10 -22.68 35.34
N ARG A 354 2.02 -23.34 34.62
CA ARG A 354 2.77 -24.47 35.17
CA ARG A 354 2.78 -24.48 35.17
C ARG A 354 3.87 -24.08 36.12
N PHE A 355 4.28 -22.81 36.07
CA PHE A 355 5.33 -22.34 36.91
C PHE A 355 4.92 -21.05 37.63
N SER A 356 4.61 -21.16 38.92
CA SER A 356 4.40 -19.96 39.73
C SER A 356 5.75 -19.48 40.27
N PRO A 357 6.11 -18.20 40.04
CA PRO A 357 7.37 -17.71 40.60
C PRO A 357 7.45 -17.76 42.12
N LEU A 358 6.30 -17.80 42.80
CA LEU A 358 6.28 -18.00 44.25
C LEU A 358 7.02 -19.26 44.72
N GLN A 359 7.16 -20.26 43.84
CA GLN A 359 7.88 -21.47 44.23
C GLN A 359 9.40 -21.36 44.09
N ILE A 360 9.91 -20.19 43.67
CA ILE A 360 11.34 -19.91 43.74
C ILE A 360 11.65 -19.50 45.18
N PRO A 361 12.66 -20.13 45.81
CA PRO A 361 13.19 -19.58 47.07
C PRO A 361 13.92 -18.25 46.85
N VAL A 362 13.71 -17.29 47.74
CA VAL A 362 14.47 -16.03 47.67
C VAL A 362 15.95 -16.26 48.01
N ASN A 363 16.81 -15.66 47.20
CA ASN A 363 18.24 -15.64 47.44
C ASN A 363 18.58 -14.27 48.02
N ASN A 364 19.44 -14.27 49.02
CA ASN A 364 19.72 -13.08 49.83
C ASN A 364 20.67 -12.07 49.18
N ASP A 365 21.42 -12.53 48.19
CA ASP A 365 22.20 -11.64 47.34
C ASP A 365 21.33 -10.80 46.40
N TRP A 366 20.04 -11.14 46.22
CA TRP A 366 19.28 -10.42 45.17
C TRP A 366 19.03 -8.94 45.47
N SER A 367 18.80 -8.57 46.73
CA SER A 367 18.55 -7.17 47.06
CA SER A 367 18.53 -7.16 47.05
C SER A 367 19.72 -6.26 46.68
N VAL A 368 20.95 -6.73 46.92
CA VAL A 368 22.16 -5.97 46.57
C VAL A 368 22.18 -5.74 45.04
N TRP A 369 21.83 -6.78 44.29
CA TRP A 369 21.83 -6.74 42.82
C TRP A 369 20.74 -5.80 42.29
N THR A 370 19.53 -5.89 42.81
CA THR A 370 18.47 -5.02 42.33
C THR A 370 18.65 -3.58 42.79
N ALA A 371 19.22 -3.37 43.99
CA ALA A 371 19.64 -2.01 44.39
C ALA A 371 20.71 -1.44 43.45
N LEU A 372 21.67 -2.28 43.06
CA LEU A 372 22.70 -1.86 42.11
C LEU A 372 22.07 -1.42 40.80
N LEU A 373 21.11 -2.19 40.31
CA LEU A 373 20.49 -1.86 39.05
C LEU A 373 19.59 -0.63 39.13
N LYS A 374 18.86 -0.48 40.23
CA LYS A 374 18.05 0.72 40.44
C LYS A 374 18.95 1.95 40.41
N GLU A 375 20.10 1.87 41.07
CA GLU A 375 21.03 3.00 41.11
C GLU A 375 21.61 3.30 39.73
N LYS A 376 21.92 2.24 38.97
CA LYS A 376 22.41 2.39 37.60
C LYS A 376 21.37 3.11 36.76
N PHE A 377 20.12 2.71 36.91
CA PHE A 377 19.01 3.35 36.21
C PHE A 377 18.90 4.82 36.61
N ARG A 378 19.01 5.08 37.91
CA ARG A 378 18.87 6.45 38.41
C ARG A 378 19.91 7.37 37.77
N VAL A 379 21.16 6.93 37.69
CA VAL A 379 22.23 7.79 37.18
C VAL A 379 22.36 7.83 35.67
N THR A 380 21.85 6.82 34.97
CA THR A 380 21.96 6.79 33.51
C THR A 380 20.67 7.10 32.73
N PHE A 381 19.50 7.00 33.36
CA PHE A 381 18.20 7.30 32.69
C PHE A 381 18.00 8.81 32.83
N ILE A 382 18.72 9.50 31.96
CA ILE A 382 19.07 10.88 32.13
C ILE A 382 18.92 11.58 30.77
N ASP A 383 18.65 12.88 30.77
CA ASP A 383 18.67 13.69 29.54
C ASP A 383 20.05 13.76 28.88
N GLU A 384 20.16 13.19 27.69
CA GLU A 384 21.40 13.19 26.91
C GLU A 384 21.36 14.21 25.77
N TYR A 385 20.33 15.07 25.79
CA TYR A 385 20.11 16.05 24.73
C TYR A 385 20.00 17.47 25.30
N THR A 386 20.83 17.79 26.28
CA THR A 386 20.67 19.06 27.01
C THR A 386 21.03 20.26 26.15
N THR A 387 21.74 20.06 25.04
CA THR A 387 22.13 21.16 24.15
C THR A 387 21.21 21.30 22.93
N TRP A 388 20.15 20.49 22.88
CA TRP A 388 19.13 20.67 21.87
C TRP A 388 18.06 21.64 22.37
N ASN A 389 17.36 22.25 21.42
CA ASN A 389 16.32 23.22 21.74
C ASN A 389 15.17 22.57 22.48
N LEU A 390 14.75 21.41 21.99
CA LEU A 390 13.78 20.59 22.71
C LEU A 390 14.34 19.19 22.84
N SER A 391 14.51 18.70 24.06
CA SER A 391 15.01 17.37 24.28
C SER A 391 13.90 16.34 24.12
N PRO A 392 14.12 15.31 23.30
CA PRO A 392 13.15 14.22 23.28
C PRO A 392 12.95 13.62 24.67
N PHE A 393 14.02 13.53 25.43
CA PHE A 393 13.92 12.92 26.75
C PHE A 393 13.00 13.77 27.63
N GLY A 394 13.18 15.09 27.60
CA GLY A 394 12.25 15.99 28.29
C GLY A 394 10.80 15.84 27.84
N LEU A 395 10.55 15.72 26.53
CA LEU A 395 9.18 15.58 26.03
C LEU A 395 8.49 14.31 26.55
N PHE A 396 9.22 13.20 26.48
CA PHE A 396 8.67 11.94 26.92
C PHE A 396 8.59 11.80 28.42
N THR A 397 9.50 12.44 29.14
CA THR A 397 9.36 12.45 30.61
C THR A 397 8.15 13.32 31.04
N GLN A 398 7.84 14.37 30.27
CA GLN A 398 6.62 15.17 30.49
C GLN A 398 5.36 14.36 30.18
N LEU A 399 5.41 13.55 29.12
CA LEU A 399 4.29 12.63 28.86
C LEU A 399 4.11 11.66 30.05
N ASN A 400 5.20 11.08 30.53
CA ASN A 400 5.12 10.12 31.64
C ASN A 400 4.46 10.76 32.85
N LYS A 401 4.90 11.98 33.17
CA LYS A 401 4.43 12.70 34.35
C LYS A 401 2.97 13.14 34.21
N LEU A 402 2.67 13.82 33.12
CA LEU A 402 1.35 14.40 32.97
C LEU A 402 0.23 13.35 32.80
N THR A 403 0.56 12.17 32.26
CA THR A 403 -0.45 11.13 32.04
C THR A 403 -0.50 10.10 33.17
N GLU A 404 0.15 10.39 34.30
CA GLU A 404 0.31 9.40 35.37
C GLU A 404 -0.98 8.73 35.84
N ARG A 405 -2.08 9.48 35.87
CA ARG A 405 -3.36 8.94 36.37
C ARG A 405 -4.39 8.80 35.24
N VAL A 406 -3.90 8.68 34.00
CA VAL A 406 -4.77 8.64 32.85
C VAL A 406 -4.57 7.35 32.06
N ALA A 407 -5.67 6.63 31.86
CA ALA A 407 -5.65 5.46 31.00
C ALA A 407 -5.68 5.89 29.54
N LEU A 408 -4.57 5.64 28.87
CA LEU A 408 -4.42 5.91 27.45
C LEU A 408 -3.30 5.06 26.88
N ASP A 409 -3.31 4.88 25.57
CA ASP A 409 -2.23 4.18 24.90
C ASP A 409 -1.49 5.13 23.96
N TYR A 410 -0.21 4.82 23.75
CA TYR A 410 0.63 5.49 22.76
C TYR A 410 0.75 4.65 21.50
N ILE A 411 0.69 5.26 20.34
CA ILE A 411 1.03 4.57 19.06
C ILE A 411 2.21 5.27 18.43
N LEU A 412 3.23 4.51 18.04
CA LEU A 412 4.46 5.10 17.53
C LEU A 412 4.54 4.79 16.06
N ASP A 413 5.14 5.71 15.32
CA ASP A 413 5.50 5.45 13.94
C ASP A 413 6.92 4.87 13.85
N VAL A 414 7.67 5.15 12.76
CA VAL A 414 8.99 4.56 12.60
C VAL A 414 10.04 5.61 12.28
N GLY A 415 11.12 5.61 13.04
CA GLY A 415 12.18 6.60 12.83
C GLY A 415 12.85 6.93 14.14
N ASN A 416 13.68 7.96 14.16
CA ASN A 416 14.29 8.39 15.41
C ASN A 416 13.24 8.69 16.45
N ASN A 417 12.14 9.34 16.02
CA ASN A 417 11.01 9.63 16.93
C ASN A 417 10.48 8.39 17.66
N GLN A 418 10.41 7.27 16.95
CA GLN A 418 9.93 6.04 17.54
C GLN A 418 10.87 5.54 18.62
N MET A 419 12.17 5.65 18.38
CA MET A 419 13.15 5.19 19.36
C MET A 419 13.31 6.15 20.54
N TRP A 420 13.12 7.45 20.33
CA TRP A 420 13.00 8.36 21.48
C TRP A 420 11.91 7.87 22.46
N ALA A 421 10.76 7.45 21.92
CA ALA A 421 9.63 6.97 22.70
C ALA A 421 9.91 5.63 23.33
N ALA A 422 10.50 4.72 22.57
CA ALA A 422 10.75 3.37 23.07
C ALA A 422 11.69 3.41 24.25
N HIS A 423 12.69 4.27 24.17
CA HIS A 423 13.66 4.41 25.24
C HIS A 423 13.05 5.01 26.51
N THR A 424 12.31 6.11 26.36
CA THR A 424 11.99 6.96 27.51
C THR A 424 10.57 6.79 28.06
N LEU A 425 9.63 6.30 27.27
CA LEU A 425 8.32 6.01 27.85
C LEU A 425 8.39 5.07 29.03
N ARG A 426 7.74 5.48 30.11
CA ARG A 426 7.61 4.66 31.33
CA ARG A 426 7.60 4.66 31.32
C ARG A 426 6.11 4.59 31.63
N LEU A 427 5.52 3.44 31.32
CA LEU A 427 4.07 3.30 31.25
C LEU A 427 3.45 3.26 32.62
N ASN A 428 2.41 4.07 32.78
CA ASN A 428 1.61 4.11 33.98
C ASN A 428 0.59 2.96 33.93
N ALA A 429 -0.23 2.81 34.98
CA ALA A 429 -0.95 1.54 35.22
C ALA A 429 -1.83 0.93 34.10
N GLN A 430 -2.52 1.77 33.35
CA GLN A 430 -3.48 1.31 32.34
C GLN A 430 -3.06 1.88 31.01
N GLN A 431 -1.76 1.79 30.77
CA GLN A 431 -1.16 2.32 29.55
C GLN A 431 -0.34 1.25 28.82
N ALA A 432 -0.45 1.25 27.50
CA ALA A 432 0.43 0.47 26.64
C ALA A 432 0.93 1.35 25.51
N MET A 433 2.03 0.91 24.90
CA MET A 433 2.51 1.56 23.66
C MET A 433 2.55 0.52 22.55
N HIS A 434 2.46 0.96 21.30
CA HIS A 434 2.35 0.03 20.18
C HIS A 434 3.31 0.43 19.06
N HIS A 435 4.09 -0.55 18.63
CA HIS A 435 5.12 -0.39 17.59
C HIS A 435 4.96 -1.38 16.47
N SER A 436 5.37 -0.93 15.28
CA SER A 436 5.66 -1.82 14.17
C SER A 436 7.14 -2.18 14.36
N GLY A 437 7.40 -3.34 14.96
CA GLY A 437 8.74 -3.75 15.32
C GLY A 437 9.52 -4.50 14.24
N GLY A 438 8.94 -5.60 13.76
CA GLY A 438 9.64 -6.46 12.85
C GLY A 438 9.67 -5.90 11.44
N LEU A 439 8.51 -5.41 11.02
CA LEU A 439 8.38 -4.77 9.70
C LEU A 439 8.88 -3.33 9.72
N GLY A 440 8.64 -2.61 10.81
CA GLY A 440 9.03 -1.20 10.92
C GLY A 440 8.43 -0.35 9.81
N SER A 441 7.11 -0.44 9.64
CA SER A 441 6.46 0.33 8.58
CA SER A 441 6.42 0.33 8.59
C SER A 441 6.07 1.76 9.01
N MET A 442 6.68 2.74 8.36
CA MET A 442 6.22 4.13 8.48
C MET A 442 4.76 4.20 8.05
N GLY A 443 4.03 5.16 8.58
CA GLY A 443 2.62 5.34 8.22
C GLY A 443 1.69 4.46 9.04
N PHE A 444 2.22 3.66 9.98
CA PHE A 444 1.44 2.80 10.87
C PHE A 444 0.59 3.61 11.86
N ALA A 445 1.16 4.66 12.40
CA ALA A 445 0.67 5.17 13.69
C ALA A 445 -0.71 5.81 13.59
N ILE A 446 -0.89 6.74 12.65
CA ILE A 446 -2.17 7.46 12.59
C ILE A 446 -3.35 6.53 12.40
N PRO A 447 -3.30 5.65 11.39
CA PRO A 447 -4.44 4.73 11.24
C PRO A 447 -4.57 3.68 12.34
N ALA A 448 -3.45 3.22 12.87
CA ALA A 448 -3.51 2.28 14.00
C ALA A 448 -4.25 2.89 15.17
N ALA A 449 -4.05 4.20 15.37
CA ALA A 449 -4.68 4.89 16.50
C ALA A 449 -6.21 4.84 16.37
N ILE A 450 -6.71 4.87 15.14
CA ILE A 450 -8.16 4.79 14.93
C ILE A 450 -8.67 3.44 15.48
N GLY A 451 -8.00 2.35 15.10
CA GLY A 451 -8.39 1.01 15.60
C GLY A 451 -8.27 0.90 17.10
N ALA A 452 -7.15 1.39 17.64
CA ALA A 452 -6.86 1.32 19.07
C ALA A 452 -7.89 2.09 19.85
N CYS A 453 -8.25 3.28 19.36
CA CYS A 453 -9.26 4.10 20.02
C CYS A 453 -10.64 3.42 20.04
N TYR A 454 -11.05 2.88 18.88
CA TYR A 454 -12.36 2.20 18.79
C TYR A 454 -12.41 0.97 19.70
N ALA A 455 -11.41 0.11 19.62
CA ALA A 455 -11.43 -1.14 20.38
C ALA A 455 -11.04 -0.99 21.83
N GLY A 456 -10.17 -0.04 22.14
CA GLY A 456 -9.68 0.14 23.50
C GLY A 456 -10.57 1.05 24.31
N LYS A 457 -11.47 1.77 23.63
CA LYS A 457 -12.40 2.72 24.29
C LYS A 457 -11.66 3.65 25.26
N LYS A 458 -10.55 4.23 24.77
CA LYS A 458 -9.71 5.09 25.58
C LYS A 458 -8.99 6.09 24.67
N PRO A 459 -8.55 7.23 25.21
CA PRO A 459 -7.73 8.14 24.41
C PRO A 459 -6.43 7.52 23.95
N ILE A 460 -5.93 8.05 22.83
CA ILE A 460 -4.73 7.57 22.23
C ILE A 460 -3.82 8.75 21.91
N ILE A 461 -2.52 8.57 22.16
CA ILE A 461 -1.52 9.55 21.80
C ILE A 461 -0.62 8.96 20.74
N VAL A 462 -0.70 9.51 19.54
CA VAL A 462 0.22 9.19 18.45
C VAL A 462 1.48 10.04 18.54
N ILE A 463 2.64 9.43 18.41
CA ILE A 463 3.85 10.18 18.05
C ILE A 463 4.31 9.66 16.69
N THR A 464 4.54 10.60 15.79
CA THR A 464 4.98 10.27 14.43
C THR A 464 5.98 11.30 13.98
N GLY A 465 6.87 10.90 13.07
CA GLY A 465 7.78 11.87 12.49
C GLY A 465 7.15 12.58 11.32
N ASP A 466 7.82 13.60 10.84
CA ASP A 466 7.35 14.27 9.64
C ASP A 466 7.26 13.37 8.39
N GLY A 467 8.22 12.47 8.20
CA GLY A 467 8.16 11.55 7.05
C GLY A 467 7.00 10.59 7.21
N GLY A 468 6.94 9.95 8.35
CA GLY A 468 5.95 8.92 8.60
C GLY A 468 4.52 9.44 8.56
N ALA A 469 4.34 10.67 9.00
CA ALA A 469 3.01 11.29 9.08
C ALA A 469 2.36 11.37 7.70
N GLN A 470 3.18 11.53 6.65
CA GLN A 470 2.66 11.75 5.31
C GLN A 470 1.91 10.54 4.77
N LEU A 471 2.38 9.34 5.09
CA LEU A 471 1.94 8.17 4.31
C LEU A 471 0.44 7.97 4.37
N ASN A 472 -0.14 8.06 5.58
CA ASN A 472 -1.57 7.88 5.77
C ASN A 472 -2.17 9.08 6.43
N ILE A 473 -1.65 10.25 6.05
CA ILE A 473 -2.17 11.54 6.53
C ILE A 473 -3.70 11.67 6.29
N GLN A 474 -4.20 11.02 5.23
CA GLN A 474 -5.60 11.16 4.83
C GLN A 474 -6.53 10.65 5.93
N GLU A 475 -6.05 9.74 6.80
CA GLU A 475 -6.94 9.22 7.82
C GLU A 475 -7.16 10.21 8.97
N LEU A 476 -6.52 11.37 8.97
CA LEU A 476 -6.92 12.45 9.89
C LEU A 476 -8.39 12.79 9.75
N ASP A 477 -8.88 12.66 8.52
CA ASP A 477 -10.27 12.97 8.20
C ASP A 477 -11.24 12.09 9.00
N ILE A 478 -10.82 10.85 9.29
CA ILE A 478 -11.65 9.88 10.02
C ILE A 478 -11.66 10.25 11.49
N ILE A 479 -10.51 10.64 12.01
CA ILE A 479 -10.40 11.12 13.38
C ILE A 479 -11.35 12.31 13.60
N ALA A 480 -11.37 13.26 12.67
CA ALA A 480 -12.30 14.40 12.75
C ALA A 480 -13.75 13.97 12.59
N ARG A 481 -14.03 13.19 11.53
CA ARG A 481 -15.40 12.75 11.24
C ARG A 481 -16.06 12.06 12.43
N ASP A 482 -15.30 11.16 13.08
CA ASP A 482 -15.80 10.31 14.16
C ASP A 482 -15.49 10.88 15.53
N LYS A 483 -14.93 12.09 15.57
CA LYS A 483 -14.71 12.82 16.83
C LYS A 483 -13.95 11.97 17.84
N LEU A 484 -12.87 11.36 17.38
CA LEU A 484 -12.12 10.44 18.21
C LEU A 484 -11.11 11.16 19.10
N PRO A 485 -10.99 10.75 20.37
CA PRO A 485 -10.01 11.39 21.25
C PRO A 485 -8.59 10.88 20.98
N ILE A 486 -8.04 11.31 19.85
CA ILE A 486 -6.70 10.99 19.45
C ILE A 486 -5.89 12.27 19.32
N LEU A 487 -4.83 12.34 20.11
CA LEU A 487 -3.80 13.39 20.01
C LEU A 487 -2.69 12.91 19.06
N THR A 488 -2.44 13.62 17.96
CA THR A 488 -1.35 13.31 17.05
C THR A 488 -0.22 14.32 17.24
N ILE A 489 0.93 13.81 17.69
CA ILE A 489 2.13 14.63 17.90
C ILE A 489 3.08 14.34 16.75
N VAL A 490 3.31 15.36 15.94
CA VAL A 490 4.25 15.27 14.84
C VAL A 490 5.56 15.87 15.29
N MET A 491 6.59 15.05 15.41
CA MET A 491 7.90 15.54 15.77
C MET A 491 8.62 15.85 14.48
N ASN A 492 8.60 17.13 14.11
CA ASN A 492 9.06 17.57 12.82
C ASN A 492 10.50 18.06 12.85
N ASN A 493 11.43 17.21 12.41
CA ASN A 493 12.85 17.57 12.32
C ASN A 493 13.25 17.85 10.88
N HIS A 494 12.27 18.07 10.00
CA HIS A 494 12.49 18.46 8.60
C HIS A 494 13.41 17.49 7.85
N SER A 495 13.34 16.22 8.22
CA SER A 495 14.28 15.22 7.70
CA SER A 495 14.29 15.22 7.71
C SER A 495 13.76 13.82 7.92
N LEU A 496 14.27 12.90 7.14
CA LEU A 496 14.04 11.47 7.32
C LEU A 496 15.21 11.00 8.16
N GLY A 497 15.03 11.19 9.46
CA GLY A 497 16.18 11.42 10.34
C GLY A 497 17.06 10.22 10.49
N MET A 498 16.42 9.06 10.62
CA MET A 498 17.15 7.85 10.94
C MET A 498 18.01 7.40 9.79
N VAL A 499 17.56 7.66 8.55
CA VAL A 499 18.38 7.37 7.39
C VAL A 499 19.38 8.51 7.13
N ARG A 500 18.98 9.75 7.42
CA ARG A 500 19.84 10.92 7.20
C ARG A 500 21.15 10.75 7.94
N GLY A 501 21.08 10.24 9.17
CA GLY A 501 22.26 9.91 9.95
C GLY A 501 23.11 8.85 9.28
N PHE A 502 22.48 7.79 8.75
CA PHE A 502 23.19 6.73 8.02
C PHE A 502 23.98 7.36 6.88
N GLN A 503 23.33 8.22 6.10
CA GLN A 503 24.00 8.90 4.98
C GLN A 503 25.13 9.86 5.38
N GLU A 504 24.99 10.54 6.53
CA GLU A 504 26.05 11.43 7.02
C GLU A 504 27.31 10.62 7.28
N MET A 505 27.14 9.56 8.07
CA MET A 505 28.24 8.73 8.53
C MET A 505 28.90 7.91 7.42
N TYR A 506 28.11 7.42 6.46
CA TYR A 506 28.66 6.49 5.44
C TYR A 506 28.74 7.00 4.01
N PHE A 507 28.04 8.07 3.67
CA PHE A 507 28.13 8.62 2.32
C PHE A 507 28.64 10.05 2.26
N GLU A 508 29.40 10.47 3.27
CA GLU A 508 30.06 11.78 3.28
C GLU A 508 29.06 12.95 3.17
N GLY A 509 27.96 12.84 3.91
CA GLY A 509 26.94 13.89 3.96
C GLY A 509 26.02 14.02 2.76
N ARG A 510 26.04 13.05 1.84
CA ARG A 510 25.20 13.09 0.63
CA ARG A 510 25.20 13.10 0.64
C ARG A 510 23.76 12.71 0.98
N ASN A 511 23.00 13.68 1.46
CA ASN A 511 21.66 13.43 1.98
C ASN A 511 20.50 13.93 1.13
N SER A 512 20.64 13.95 -0.19
CA SER A 512 19.57 14.56 -1.00
C SER A 512 18.21 13.83 -0.90
N SER A 513 18.20 12.54 -0.53
CA SER A 513 16.95 11.77 -0.45
C SER A 513 16.39 11.68 1.00
N THR A 514 17.03 12.34 1.96
CA THR A 514 16.54 12.42 3.35
C THR A 514 16.45 13.86 3.92
N TYR A 515 16.87 14.85 3.13
CA TYR A 515 16.92 16.25 3.60
C TYR A 515 16.78 17.18 2.41
N TRP A 516 15.95 18.22 2.57
CA TRP A 516 15.63 19.11 1.45
C TRP A 516 15.83 20.56 1.86
N ASN A 517 16.97 20.84 2.48
CA ASN A 517 17.37 22.20 2.89
C ASN A 517 16.38 22.90 3.83
N GLY A 518 15.69 22.12 4.65
CA GLY A 518 14.72 22.67 5.61
C GLY A 518 13.28 22.69 5.09
N TYR A 519 13.09 22.38 3.80
CA TYR A 519 11.76 22.26 3.24
C TYR A 519 10.95 21.26 4.04
N THR A 520 9.71 21.65 4.37
CA THR A 520 8.80 20.79 5.09
C THR A 520 7.35 21.09 4.74
N SER A 521 6.50 20.11 5.01
CA SER A 521 5.06 20.34 5.01
C SER A 521 4.61 21.09 6.27
N GLN A 522 3.45 21.73 6.15
CA GLN A 522 2.82 22.48 7.23
C GLN A 522 1.80 21.58 7.98
N PHE A 523 2.26 20.79 8.95
CA PHE A 523 1.37 19.78 9.57
C PHE A 523 0.24 20.43 10.34
N LYS A 524 0.54 21.53 11.01
CA LYS A 524 -0.53 22.29 11.65
C LYS A 524 -1.65 22.68 10.65
N LYS A 525 -1.26 23.22 9.50
CA LYS A 525 -2.24 23.58 8.47
C LYS A 525 -2.94 22.37 7.84
N ILE A 526 -2.21 21.27 7.66
CA ILE A 526 -2.83 20.04 7.18
C ILE A 526 -3.88 19.52 8.17
N GLY A 527 -3.55 19.55 9.46
CA GLY A 527 -4.52 19.12 10.49
C GLY A 527 -5.78 19.97 10.41
N GLU A 528 -5.59 21.29 10.37
CA GLU A 528 -6.72 22.20 10.30
C GLU A 528 -7.56 21.97 9.04
N ALA A 529 -6.91 21.69 7.92
CA ALA A 529 -7.60 21.44 6.64
C ALA A 529 -8.49 20.21 6.75
N TYR A 530 -8.07 19.26 7.58
CA TYR A 530 -8.83 18.06 7.92
C TYR A 530 -9.77 18.26 9.11
N ARG A 531 -9.98 19.52 9.50
CA ARG A 531 -10.87 19.87 10.62
C ARG A 531 -10.46 19.28 11.97
N VAL A 532 -9.17 19.06 12.15
CA VAL A 532 -8.62 18.66 13.44
C VAL A 532 -7.96 19.88 14.05
N GLU A 533 -8.39 20.25 15.27
CA GLU A 533 -7.76 21.33 16.01
C GLU A 533 -6.25 21.09 16.06
N SER A 534 -5.47 22.11 15.67
CA SER A 534 -4.02 21.93 15.57
C SER A 534 -3.27 23.11 16.16
N LYS A 535 -2.06 22.82 16.63
CA LYS A 535 -1.22 23.80 17.29
C LYS A 535 0.22 23.61 16.87
N THR A 536 0.93 24.74 16.75
CA THR A 536 2.37 24.74 16.56
C THR A 536 2.97 24.75 17.95
N ILE A 537 3.95 23.87 18.15
CA ILE A 537 4.61 23.76 19.45
C ILE A 537 6.10 24.02 19.29
N ILE A 538 6.57 25.14 19.87
CA ILE A 538 7.97 25.53 19.80
C ILE A 538 8.72 25.31 21.13
N SER A 539 8.01 25.37 22.26
CA SER A 539 8.63 25.34 23.58
C SER A 539 8.04 24.25 24.46
N MET A 540 8.74 23.92 25.53
CA MET A 540 8.24 22.95 26.52
C MET A 540 6.96 23.42 27.21
N GLN A 541 6.85 24.72 27.46
CA GLN A 541 5.64 25.27 28.06
C GLN A 541 4.43 25.05 27.14
N ALA A 542 4.60 25.33 25.85
CA ALA A 542 3.52 25.11 24.88
C ALA A 542 3.13 23.64 24.82
N PHE A 543 4.13 22.76 24.87
CA PHE A 543 3.88 21.32 24.82
C PHE A 543 3.06 20.90 26.03
N SER A 544 3.53 21.32 27.20
CA SER A 544 2.86 20.97 28.46
C SER A 544 1.41 21.48 28.52
N SER A 545 1.23 22.73 28.15
CA SER A 545 -0.09 23.34 28.09
C SER A 545 -1.04 22.58 27.15
N ALA A 546 -0.55 22.20 25.98
CA ALA A 546 -1.37 21.49 24.99
C ALA A 546 -1.74 20.09 25.48
N LEU A 547 -0.78 19.39 26.07
CA LEU A 547 -1.07 18.06 26.64
C LEU A 547 -2.10 18.13 27.75
N GLU A 548 -1.94 19.12 28.64
CA GLU A 548 -2.87 19.33 29.74
C GLU A 548 -4.25 19.57 29.19
N SER A 549 -4.35 20.35 28.11
CA SER A 549 -5.63 20.61 27.45
CA SER A 549 -5.63 20.60 27.46
C SER A 549 -6.26 19.32 26.93
N PHE A 550 -5.46 18.51 26.24
CA PHE A 550 -5.94 17.24 25.71
C PHE A 550 -6.43 16.33 26.82
N LEU A 551 -5.64 16.19 27.88
CA LEU A 551 -6.00 15.30 28.99
C LEU A 551 -7.25 15.78 29.72
N GLU A 552 -7.43 17.09 29.85
CA GLU A 552 -8.63 17.68 30.44
C GLU A 552 -9.90 17.40 29.63
N SER A 553 -9.77 17.53 28.30
CA SER A 553 -10.89 17.34 27.39
CA SER A 553 -10.89 17.35 27.39
C SER A 553 -10.40 16.59 26.15
N PRO A 554 -10.26 15.25 26.27
CA PRO A 554 -9.78 14.47 25.11
C PRO A 554 -10.66 14.68 23.87
N ARG A 555 -10.04 14.81 22.72
CA ARG A 555 -10.70 15.27 21.51
C ARG A 555 -9.65 15.24 20.42
N PRO A 556 -10.06 15.26 19.15
CA PRO A 556 -9.10 15.31 18.05
C PRO A 556 -8.18 16.51 18.20
N LEU A 557 -6.88 16.27 18.19
CA LEU A 557 -5.92 17.35 18.38
C LEU A 557 -4.63 16.97 17.69
N LEU A 558 -3.98 17.93 17.01
CA LEU A 558 -2.68 17.70 16.40
C LEU A 558 -1.68 18.74 16.87
N LEU A 559 -0.48 18.27 17.23
CA LEU A 559 0.62 19.13 17.68
C LEU A 559 1.78 18.98 16.72
N GLU A 560 2.21 20.08 16.11
CA GLU A 560 3.39 20.00 15.26
C GLU A 560 4.52 20.52 16.10
N VAL A 561 5.43 19.63 16.52
CA VAL A 561 6.56 20.03 17.38
C VAL A 561 7.78 20.32 16.53
N SER A 562 8.28 21.56 16.61
CA SER A 562 9.40 21.98 15.80
CA SER A 562 9.41 22.00 15.79
C SER A 562 10.71 21.48 16.38
N MET A 563 11.36 20.57 15.65
CA MET A 563 12.51 19.81 16.17
CA MET A 563 12.51 19.81 16.17
C MET A 563 13.64 19.64 15.14
N SER A 564 13.97 20.74 14.44
CA SER A 564 14.96 20.72 13.35
C SER A 564 16.36 20.23 13.78
N ASP A 565 16.74 20.42 15.03
CA ASP A 565 18.08 19.99 15.49
C ASP A 565 18.10 18.56 16.06
N ALA A 566 16.95 17.90 16.05
CA ALA A 566 16.82 16.59 16.71
C ALA A 566 16.90 15.48 15.69
N ARG A 567 18.12 15.07 15.35
CA ARG A 567 18.28 14.08 14.26
C ARG A 567 19.11 12.86 14.61
N GLU A 568 19.05 12.43 15.87
CA GLU A 568 19.72 11.19 16.27
C GLU A 568 19.15 10.73 17.58
N CYS A 569 19.49 9.50 17.94
CA CYS A 569 19.13 8.93 19.23
C CYS A 569 20.38 8.80 20.05
N ARG A 570 20.23 9.05 21.33
CA ARG A 570 21.27 8.86 22.32
C ARG A 570 20.59 8.25 23.54
N PRO A 571 20.91 7.02 23.95
CA PRO A 571 21.95 6.18 23.40
C PRO A 571 21.64 5.49 22.07
N ARG A 572 22.70 5.09 21.38
CA ARG A 572 22.59 4.30 20.17
C ARG A 572 23.78 3.37 20.09
N LEU A 573 23.70 2.35 19.24
CA LEU A 573 24.79 1.41 19.12
C LEU A 573 25.45 1.59 17.75
N GLU A 574 26.75 1.91 17.77
CA GLU A 574 27.49 2.17 16.55
C GLU A 574 28.11 0.84 16.28
N TYR A 575 27.70 0.23 15.18
N TYR A 575 27.70 0.24 15.17
CA TYR A 575 27.59 -1.22 15.14
CA TYR A 575 27.54 -1.20 15.10
C TYR A 575 28.88 -1.97 15.06
C TYR A 575 28.85 -1.98 15.02
N GLY A 576 28.75 -3.23 15.48
CA GLY A 576 29.85 -4.06 15.75
C GLY A 576 30.05 -4.04 17.25
N ARG A 577 29.75 -2.93 17.97
CA ARG A 577 30.12 -2.89 19.39
C ARG A 577 29.15 -3.68 20.24
N ALA A 578 29.61 -4.03 21.43
CA ALA A 578 28.80 -4.71 22.44
C ALA A 578 27.70 -3.80 22.93
N ILE A 579 26.61 -4.41 23.42
CA ILE A 579 25.42 -3.63 23.79
C ILE A 579 25.60 -2.75 25.02
N ASP A 580 26.64 -2.99 25.81
CA ASP A 580 26.97 -2.12 26.92
C ASP A 580 27.99 -1.05 26.55
N GLN A 581 28.16 -0.77 25.26
CA GLN A 581 28.99 0.39 24.87
C GLN A 581 28.35 1.21 23.78
N GLN A 582 27.14 1.63 24.13
CA GLN A 582 26.38 2.57 23.34
C GLN A 582 27.09 3.93 23.28
N SER A 583 26.81 4.65 22.20
CA SER A 583 27.28 5.99 21.98
C SER A 583 26.16 6.96 22.36
N PRO A 584 26.50 8.18 22.78
CA PRO A 584 27.84 8.65 23.02
C PRO A 584 28.50 7.89 24.15
N ARG A 585 29.81 7.66 24.06
CA ARG A 585 30.54 7.05 25.15
C ARG A 585 31.08 8.18 26.03
N MET B 21 34.50 -2.55 -10.73
CA MET B 21 33.50 -1.45 -10.50
C MET B 21 32.49 -1.90 -9.43
N LYS B 22 32.01 -0.94 -8.64
CA LYS B 22 31.03 -1.23 -7.58
C LYS B 22 29.73 -1.66 -8.24
N ALA B 23 29.09 -2.69 -7.68
CA ALA B 23 27.84 -3.24 -8.26
C ALA B 23 26.76 -2.18 -8.46
N SER B 24 26.59 -1.33 -7.45
CA SER B 24 25.54 -0.29 -7.52
C SER B 24 25.84 0.72 -8.64
N ASP B 25 27.12 0.97 -8.90
CA ASP B 25 27.51 1.82 -10.04
C ASP B 25 27.21 1.13 -11.37
N ALA B 26 27.45 -0.18 -11.44
CA ALA B 26 27.04 -0.97 -12.60
C ALA B 26 25.52 -0.93 -12.83
N VAL B 27 24.75 -1.00 -11.76
CA VAL B 27 23.29 -0.92 -11.89
C VAL B 27 22.90 0.44 -12.49
N ALA B 28 23.51 1.51 -11.99
CA ALA B 28 23.22 2.84 -12.50
C ALA B 28 23.54 2.93 -13.99
N LYS B 29 24.70 2.44 -14.38
CA LYS B 29 25.10 2.43 -15.79
C LYS B 29 24.11 1.65 -16.68
N ILE B 30 23.70 0.48 -16.23
CA ILE B 30 22.81 -0.37 -17.01
C ILE B 30 21.41 0.25 -17.18
N LEU B 31 20.88 0.84 -16.10
CA LEU B 31 19.58 1.51 -16.19
C LEU B 31 19.62 2.58 -17.28
N ALA B 32 20.64 3.43 -17.24
CA ALA B 32 20.72 4.57 -18.15
C ALA B 32 20.92 4.12 -19.58
N ASP B 33 21.65 3.02 -19.78
CA ASP B 33 21.95 2.53 -21.13
C ASP B 33 20.77 1.81 -21.77
N ASN B 34 19.72 1.53 -20.99
CA ASN B 34 18.54 0.80 -21.49
C ASN B 34 17.23 1.60 -21.36
N ASN B 35 17.38 2.92 -21.33
CA ASN B 35 16.26 3.87 -21.40
C ASN B 35 15.39 3.90 -20.15
N VAL B 36 15.99 3.55 -19.01
CA VAL B 36 15.31 3.66 -17.72
C VAL B 36 15.77 4.99 -17.14
N LEU B 37 15.03 6.06 -17.46
CA LEU B 37 15.54 7.43 -17.34
C LEU B 37 14.94 8.28 -16.22
N TYR B 38 13.89 7.78 -15.59
CA TYR B 38 13.26 8.47 -14.47
C TYR B 38 12.94 7.46 -13.41
N GLY B 39 13.30 7.77 -12.15
CA GLY B 39 13.04 6.89 -11.01
C GLY B 39 12.41 7.63 -9.87
N PHE B 40 11.72 6.89 -9.01
CA PHE B 40 10.99 7.47 -7.88
C PHE B 40 11.24 6.58 -6.67
N GLU B 41 11.42 7.21 -5.51
CA GLU B 41 11.79 6.47 -4.29
CA GLU B 41 11.79 6.47 -4.31
C GLU B 41 11.28 7.14 -3.04
N LEU B 42 11.14 6.32 -2.00
CA LEU B 42 11.19 6.72 -0.60
C LEU B 42 12.42 5.96 -0.09
N ILE B 43 13.33 6.67 0.54
CA ILE B 43 14.61 6.08 0.91
C ILE B 43 14.47 5.03 2.03
N GLY B 44 15.45 4.14 2.09
CA GLY B 44 15.66 3.27 3.25
C GLY B 44 17.10 2.80 3.26
N GLY B 45 17.56 2.26 4.39
CA GLY B 45 18.96 1.87 4.53
C GLY B 45 19.43 0.96 3.41
N MET B 46 18.56 0.04 3.01
CA MET B 46 18.93 -1.01 2.09
C MET B 46 18.94 -0.56 0.63
N ILE B 47 18.66 0.72 0.34
CA ILE B 47 18.78 1.23 -1.05
C ILE B 47 19.69 2.46 -1.19
N THR B 48 20.36 2.83 -0.10
CA THR B 48 21.24 4.01 -0.11
C THR B 48 22.33 3.89 -1.18
N HIS B 49 22.94 2.71 -1.30
CA HIS B 49 24.02 2.53 -2.29
C HIS B 49 23.51 2.68 -3.73
N LEU B 50 22.31 2.15 -3.98
CA LEU B 50 21.69 2.27 -5.29
C LEU B 50 21.34 3.71 -5.59
N VAL B 51 20.67 4.38 -4.66
CA VAL B 51 20.26 5.78 -4.86
C VAL B 51 21.48 6.65 -5.08
N ASP B 52 22.50 6.48 -4.27
CA ASP B 52 23.71 7.28 -4.41
CA ASP B 52 23.70 7.29 -4.39
C ASP B 52 24.37 7.08 -5.76
N SER B 53 24.54 5.83 -6.19
CA SER B 53 25.12 5.53 -7.51
C SER B 53 24.32 6.12 -8.66
N ILE B 54 23.00 6.10 -8.54
CA ILE B 54 22.15 6.64 -9.60
C ILE B 54 22.30 8.15 -9.65
N ASN B 55 22.15 8.80 -8.51
CA ASN B 55 22.31 10.27 -8.48
C ASN B 55 23.69 10.74 -8.96
N LEU B 56 24.76 10.01 -8.61
CA LEU B 56 26.12 10.40 -9.01
C LEU B 56 26.33 10.33 -10.52
N LEU B 57 25.88 9.25 -11.14
CA LEU B 57 25.93 9.12 -12.61
C LEU B 57 25.07 10.20 -13.29
N GLY B 58 23.92 10.50 -12.70
CA GLY B 58 23.05 11.61 -13.15
C GLY B 58 22.37 11.47 -14.50
N LYS B 59 22.28 10.25 -15.01
CA LYS B 59 21.59 10.00 -16.28
C LYS B 59 20.14 9.59 -16.06
N THR B 60 19.86 9.02 -14.89
CA THR B 60 18.50 8.70 -14.50
C THR B 60 18.12 9.70 -13.41
N LYS B 61 17.06 10.46 -13.66
CA LYS B 61 16.57 11.46 -12.70
C LYS B 61 15.76 10.74 -11.64
N LEU B 62 16.19 10.84 -10.38
CA LEU B 62 15.53 10.21 -9.22
C LEU B 62 14.81 11.25 -8.39
N VAL B 63 13.51 11.04 -8.17
CA VAL B 63 12.65 11.97 -7.44
C VAL B 63 12.13 11.32 -6.15
N SER B 64 12.30 12.01 -5.04
CA SER B 64 11.82 11.52 -3.72
CA SER B 64 11.81 11.49 -3.77
C SER B 64 10.33 11.79 -3.58
N MET B 65 9.58 10.79 -3.12
CA MET B 65 8.12 10.91 -2.92
C MET B 65 7.82 10.44 -1.50
N HIS B 66 6.61 10.67 -1.01
CA HIS B 66 6.31 10.36 0.40
C HIS B 66 5.86 8.94 0.72
N HIS B 67 5.44 8.20 -0.28
CA HIS B 67 4.92 6.84 -0.10
C HIS B 67 5.39 6.03 -1.29
N GLU B 68 5.93 4.82 -1.02
CA GLU B 68 6.38 3.97 -2.15
C GLU B 68 5.26 3.61 -3.12
N GLN B 69 4.01 3.58 -2.65
CA GLN B 69 2.87 3.46 -3.58
C GLN B 69 2.82 4.59 -4.58
N GLY B 70 3.00 5.82 -4.10
CA GLY B 70 3.13 6.95 -4.99
C GLY B 70 4.31 6.85 -5.93
N ALA B 71 5.46 6.39 -5.41
CA ALA B 71 6.63 6.16 -6.26
C ALA B 71 6.30 5.15 -7.37
N ALA B 72 5.60 4.08 -6.99
CA ALA B 72 5.27 3.02 -7.95
C ALA B 72 4.34 3.57 -9.05
N PHE B 73 3.31 4.31 -8.67
CA PHE B 73 2.43 4.92 -9.69
C PHE B 73 3.20 5.94 -10.60
N ALA B 74 4.09 6.72 -10.00
CA ALA B 74 4.87 7.70 -10.77
C ALA B 74 5.76 6.95 -11.75
N ALA B 75 6.46 5.92 -11.27
CA ALA B 75 7.30 5.12 -12.16
C ALA B 75 6.51 4.50 -13.30
N SER B 76 5.29 4.03 -13.02
CA SER B 76 4.48 3.40 -14.07
CA SER B 76 4.41 3.43 -14.04
C SER B 76 4.09 4.40 -15.16
N ALA B 77 3.91 5.67 -14.78
CA ALA B 77 3.48 6.72 -15.71
C ALA B 77 4.58 7.11 -16.74
N VAL B 78 5.84 6.74 -16.44
CA VAL B 78 6.95 7.03 -17.34
C VAL B 78 6.75 6.34 -18.69
N SER B 79 6.58 5.02 -18.68
CA SER B 79 6.29 4.30 -19.95
C SER B 79 4.93 4.69 -20.54
N ARG B 80 3.95 4.94 -19.68
CA ARG B 80 2.64 5.39 -20.16
C ARG B 80 2.75 6.71 -20.98
N VAL B 81 3.39 7.75 -20.41
CA VAL B 81 3.40 9.07 -21.04
C VAL B 81 4.31 9.08 -22.26
N THR B 82 5.29 8.19 -22.30
CA THR B 82 6.18 8.12 -23.45
C THR B 82 5.81 7.00 -24.44
N HIS B 83 4.63 6.43 -24.32
CA HIS B 83 4.16 5.42 -25.26
C HIS B 83 5.15 4.26 -25.35
N HIS B 84 5.67 3.88 -24.18
CA HIS B 84 6.59 2.74 -24.00
C HIS B 84 8.00 2.97 -24.56
N LYS B 85 8.32 4.19 -24.97
CA LYS B 85 9.67 4.47 -25.45
C LYS B 85 10.71 4.58 -24.33
N THR B 86 10.27 5.04 -23.15
CA THR B 86 11.15 5.25 -22.01
C THR B 86 10.53 4.49 -20.84
N LEU B 87 11.36 3.83 -20.04
CA LEU B 87 10.87 3.12 -18.86
C LEU B 87 11.15 3.85 -17.55
N GLY B 88 10.23 3.65 -16.63
CA GLY B 88 10.36 4.14 -15.28
C GLY B 88 10.94 3.12 -14.32
N LEU B 89 11.37 3.63 -13.18
CA LEU B 89 11.97 2.86 -12.12
C LEU B 89 11.38 3.27 -10.77
N ALA B 90 10.96 2.30 -9.96
CA ALA B 90 10.68 2.57 -8.57
C ALA B 90 11.67 1.77 -7.69
N LEU B 91 12.24 2.44 -6.70
CA LEU B 91 13.20 1.83 -5.74
C LEU B 91 12.54 1.84 -4.39
N ALA B 92 12.67 0.74 -3.66
CA ALA B 92 12.15 0.67 -2.29
C ALA B 92 13.03 -0.23 -1.40
N THR B 93 13.03 0.04 -0.11
CA THR B 93 13.72 -0.80 0.85
C THR B 93 12.89 -2.08 1.11
N SER B 94 13.58 -3.08 1.64
CA SER B 94 12.95 -4.34 2.01
CA SER B 94 13.02 -4.36 2.09
C SER B 94 11.87 -4.08 3.03
N GLY B 95 10.92 -5.01 3.10
CA GLY B 95 9.88 -4.98 4.13
C GLY B 95 8.79 -4.05 3.68
N PRO B 96 8.57 -2.96 4.43
CA PRO B 96 7.40 -2.11 4.12
C PRO B 96 7.57 -1.31 2.83
N GLY B 97 8.81 -1.01 2.45
CA GLY B 97 9.03 -0.38 1.14
C GLY B 97 8.49 -1.27 0.03
N ALA B 98 8.88 -2.54 0.02
CA ALA B 98 8.43 -3.48 -0.99
C ALA B 98 6.92 -3.71 -0.96
N THR B 99 6.34 -3.85 0.24
CA THR B 99 4.91 -4.12 0.32
C THR B 99 4.14 -2.88 -0.17
N ASN B 100 4.68 -1.69 0.08
CA ASN B 100 4.09 -0.46 -0.47
C ASN B 100 4.07 -0.27 -1.99
N LEU B 101 4.95 -0.98 -2.71
CA LEU B 101 4.98 -0.91 -4.16
C LEU B 101 3.82 -1.66 -4.82
N ILE B 102 3.19 -2.59 -4.11
CA ILE B 102 2.48 -3.67 -4.76
C ILE B 102 1.29 -3.22 -5.62
N THR B 103 0.53 -2.23 -5.17
CA THR B 103 -0.59 -1.78 -5.98
C THR B 103 -0.15 -1.28 -7.37
N GLY B 104 0.95 -0.53 -7.39
CA GLY B 104 1.51 -0.03 -8.62
C GLY B 104 2.01 -1.16 -9.53
N ILE B 105 2.67 -2.15 -8.95
CA ILE B 105 3.19 -3.29 -9.72
C ILE B 105 1.99 -3.95 -10.38
N ALA B 106 0.93 -4.16 -9.60
CA ALA B 106 -0.23 -4.87 -10.09
C ALA B 106 -0.90 -4.10 -11.23
N ASP B 107 -0.89 -2.77 -11.16
CA ASP B 107 -1.45 -1.92 -12.26
C ASP B 107 -0.68 -2.09 -13.56
N CYS B 108 0.64 -2.08 -13.43
CA CYS B 108 1.51 -2.32 -14.60
C CYS B 108 1.31 -3.69 -15.20
N TRP B 109 1.14 -4.69 -14.35
CA TRP B 109 0.81 -6.06 -14.76
C TRP B 109 -0.52 -6.14 -15.51
N LEU B 110 -1.60 -5.64 -14.92
CA LEU B 110 -2.93 -5.80 -15.56
C LEU B 110 -3.15 -4.90 -16.80
N ASP B 111 -2.46 -3.75 -16.89
CA ASP B 111 -2.53 -2.88 -18.09
C ASP B 111 -1.32 -3.05 -19.04
N SER B 112 -0.42 -3.97 -18.72
CA SER B 112 0.70 -4.31 -19.61
C SER B 112 1.55 -3.13 -20.00
N HIS B 113 1.96 -2.35 -18.99
CA HIS B 113 2.93 -1.26 -19.17
C HIS B 113 4.28 -1.64 -18.54
N PRO B 114 5.39 -1.37 -19.23
CA PRO B 114 6.68 -1.80 -18.71
C PRO B 114 7.15 -0.86 -17.62
N CYS B 115 7.81 -1.42 -16.59
CA CYS B 115 8.30 -0.62 -15.48
C CYS B 115 9.29 -1.52 -14.70
N ILE B 116 10.35 -0.90 -14.16
CA ILE B 116 11.37 -1.59 -13.38
C ILE B 116 11.17 -1.31 -11.91
N PHE B 117 11.20 -2.37 -11.11
CA PHE B 117 11.13 -2.25 -9.65
C PHE B 117 12.39 -2.88 -9.06
N LEU B 118 13.11 -2.11 -8.24
CA LEU B 118 14.28 -2.62 -7.51
C LEU B 118 14.00 -2.50 -6.03
N THR B 119 14.16 -3.60 -5.30
CA THR B 119 14.03 -3.58 -3.85
C THR B 119 15.40 -3.90 -3.27
N GLY B 120 15.83 -3.11 -2.29
CA GLY B 120 17.02 -3.42 -1.53
C GLY B 120 16.70 -4.41 -0.44
N GLN B 121 17.58 -5.38 -0.24
CA GLN B 121 17.38 -6.45 0.69
C GLN B 121 18.47 -6.47 1.75
N VAL B 122 18.19 -7.15 2.87
CA VAL B 122 19.19 -7.33 3.90
C VAL B 122 20.38 -8.09 3.32
N ASN B 123 21.52 -8.03 4.01
CA ASN B 123 22.70 -8.77 3.59
C ASN B 123 22.42 -10.24 3.37
N THR B 124 23.03 -10.86 2.35
CA THR B 124 22.78 -12.29 2.08
C THR B 124 22.94 -13.18 3.32
N HIS B 125 23.91 -12.89 4.18
CA HIS B 125 24.16 -13.72 5.39
C HIS B 125 23.19 -13.40 6.54
N GLU B 126 22.27 -12.46 6.32
CA GLU B 126 21.25 -12.10 7.31
C GLU B 126 19.87 -12.58 6.88
N LEU B 127 19.76 -13.18 5.69
CA LEU B 127 18.51 -13.76 5.22
C LEU B 127 18.16 -14.98 6.05
N LYS B 128 16.87 -15.24 6.23
CA LYS B 128 16.43 -16.37 7.04
CA LYS B 128 16.44 -16.37 7.04
C LYS B 128 16.66 -17.71 6.34
N GLY B 129 16.80 -17.67 5.01
CA GLY B 129 16.98 -18.87 4.22
C GLY B 129 15.82 -19.84 4.45
N LYS B 130 16.16 -21.05 4.84
CA LYS B 130 15.17 -22.11 5.06
C LYS B 130 14.82 -22.33 6.52
N ARG B 131 15.32 -21.46 7.40
CA ARG B 131 15.03 -21.61 8.82
C ARG B 131 13.55 -21.32 9.05
N ASP B 132 12.94 -22.06 9.98
CA ASP B 132 11.50 -21.88 10.24
C ASP B 132 11.30 -20.76 11.24
N ILE B 133 11.54 -19.56 10.73
CA ILE B 133 11.31 -18.29 11.40
C ILE B 133 10.61 -17.36 10.43
N ARG B 134 9.91 -16.34 10.94
CA ARG B 134 9.23 -15.41 10.04
C ARG B 134 10.20 -14.41 9.41
N GLN B 135 11.27 -14.10 10.12
CA GLN B 135 12.31 -13.23 9.58
C GLN B 135 13.57 -13.42 10.39
N GLN B 136 14.71 -13.06 9.80
CA GLN B 136 15.98 -13.07 10.50
C GLN B 136 16.46 -11.63 10.62
N GLY B 137 16.84 -11.03 9.51
CA GLY B 137 17.35 -9.65 9.54
C GLY B 137 16.28 -8.64 9.89
N PHE B 138 16.73 -7.48 10.33
CA PHE B 138 15.84 -6.33 10.52
C PHE B 138 15.14 -5.92 9.22
N GLN B 139 13.82 -5.82 9.27
CA GLN B 139 12.95 -5.45 8.13
C GLN B 139 13.12 -6.38 6.94
N GLU B 140 13.57 -7.61 7.19
CA GLU B 140 13.66 -8.63 6.13
C GLU B 140 12.29 -9.12 5.67
N LEU B 141 12.06 -9.11 4.38
CA LEU B 141 10.86 -9.68 3.82
C LEU B 141 11.18 -10.13 2.39
N ASP B 142 10.74 -11.32 2.01
CA ASP B 142 10.97 -11.80 0.64
CA ASP B 142 10.92 -11.87 0.65
C ASP B 142 10.01 -11.09 -0.33
N SER B 143 10.55 -10.15 -1.09
CA SER B 143 9.70 -9.38 -2.02
CA SER B 143 9.79 -9.37 -2.09
C SER B 143 9.29 -10.22 -3.25
N VAL B 144 10.16 -11.14 -3.68
CA VAL B 144 9.85 -11.98 -4.83
C VAL B 144 8.60 -12.82 -4.59
N ALA B 145 8.49 -13.37 -3.39
CA ALA B 145 7.31 -14.19 -3.08
C ALA B 145 6.01 -13.38 -3.12
N LEU B 146 6.12 -12.10 -2.78
CA LEU B 146 4.96 -11.22 -2.82
C LEU B 146 4.51 -10.87 -4.24
N VAL B 147 5.45 -10.74 -5.16
CA VAL B 147 5.09 -10.21 -6.48
C VAL B 147 5.20 -11.21 -7.63
N THR B 148 5.54 -12.45 -7.34
CA THR B 148 5.68 -13.44 -8.41
CA THR B 148 5.64 -13.51 -8.35
C THR B 148 4.44 -13.58 -9.31
N SER B 149 3.24 -13.48 -8.74
CA SER B 149 2.00 -13.59 -9.49
C SER B 149 1.62 -12.37 -10.34
N ILE B 150 2.35 -11.26 -10.18
CA ILE B 150 1.98 -10.00 -10.84
C ILE B 150 3.17 -9.35 -11.52
N THR B 151 4.15 -10.16 -11.87
CA THR B 151 5.32 -9.67 -12.65
C THR B 151 5.66 -10.64 -13.76
N LYS B 152 6.31 -10.11 -14.79
CA LYS B 152 6.87 -10.94 -15.84
C LYS B 152 8.14 -11.67 -15.41
N TYR B 153 8.84 -11.09 -14.45
CA TYR B 153 10.11 -11.59 -13.94
C TYR B 153 10.30 -11.01 -12.56
N ALA B 154 10.64 -11.89 -11.61
CA ALA B 154 10.96 -11.47 -10.25
C ALA B 154 12.05 -12.39 -9.72
N TYR B 155 13.17 -11.83 -9.30
CA TYR B 155 14.30 -12.65 -8.82
C TYR B 155 15.11 -11.91 -7.77
N GLN B 156 15.61 -12.67 -6.80
CA GLN B 156 16.54 -12.14 -5.81
C GLN B 156 17.94 -12.57 -6.20
N ILE B 157 18.81 -11.58 -6.37
CA ILE B 157 20.21 -11.88 -6.70
C ILE B 157 20.88 -12.65 -5.56
N LYS B 158 21.53 -13.76 -5.94
CA LYS B 158 22.25 -14.63 -5.01
C LYS B 158 23.77 -14.41 -5.01
N SER B 159 24.34 -13.97 -6.14
CA SER B 159 25.80 -13.70 -6.23
CA SER B 159 25.77 -13.68 -6.21
C SER B 159 26.01 -12.49 -7.12
N ALA B 160 27.01 -11.69 -6.77
CA ALA B 160 27.27 -10.46 -7.49
C ALA B 160 27.50 -10.67 -8.98
N ASP B 161 28.00 -11.83 -9.40
CA ASP B 161 28.19 -12.11 -10.82
C ASP B 161 26.88 -12.30 -11.62
N GLU B 162 25.73 -12.45 -10.95
CA GLU B 162 24.42 -12.57 -11.60
C GLU B 162 23.78 -11.22 -11.91
N LEU B 163 24.25 -10.19 -11.21
CA LEU B 163 23.54 -8.91 -11.16
C LEU B 163 23.39 -8.26 -12.54
N VAL B 164 24.50 -8.13 -13.26
CA VAL B 164 24.49 -7.48 -14.57
C VAL B 164 23.62 -8.26 -15.57
N PRO B 165 23.92 -9.54 -15.81
CA PRO B 165 23.02 -10.24 -16.74
C PRO B 165 21.55 -10.28 -16.30
N CYS B 166 21.27 -10.45 -15.01
CA CYS B 166 19.88 -10.54 -14.57
C CYS B 166 19.13 -9.23 -14.74
N LEU B 167 19.81 -8.11 -14.50
CA LEU B 167 19.20 -6.80 -14.70
C LEU B 167 18.93 -6.55 -16.20
N ARG B 168 19.92 -6.81 -17.04
CA ARG B 168 19.70 -6.70 -18.49
C ARG B 168 18.53 -7.57 -18.96
N LYS B 169 18.49 -8.81 -18.47
CA LYS B 169 17.40 -9.73 -18.80
C LYS B 169 16.06 -9.18 -18.36
N ALA B 170 16.01 -8.70 -17.13
CA ALA B 170 14.76 -8.18 -16.57
C ALA B 170 14.25 -7.01 -17.39
N ILE B 171 15.13 -6.09 -17.78
CA ILE B 171 14.69 -4.93 -18.55
C ILE B 171 14.17 -5.37 -19.93
N GLN B 172 14.90 -6.28 -20.58
CA GLN B 172 14.44 -6.87 -21.85
C GLN B 172 13.05 -7.52 -21.71
N ILE B 173 12.84 -8.26 -20.63
CA ILE B 173 11.57 -8.94 -20.42
C ILE B 173 10.42 -7.94 -20.19
N ALA B 174 10.70 -6.87 -19.47
CA ALA B 174 9.69 -5.81 -19.21
C ALA B 174 9.16 -5.23 -20.51
N LYS B 175 10.08 -4.99 -21.42
CA LYS B 175 9.75 -4.34 -22.69
C LYS B 175 9.14 -5.26 -23.74
N GLU B 176 9.54 -6.52 -23.74
CA GLU B 176 9.21 -7.37 -24.88
C GLU B 176 7.77 -7.89 -24.90
N GLY B 177 7.31 -8.25 -26.11
CA GLY B 177 5.96 -8.83 -26.32
C GLY B 177 4.87 -8.04 -25.65
N ARG B 178 4.11 -8.70 -24.78
CA ARG B 178 3.12 -8.01 -23.95
C ARG B 178 3.87 -7.44 -22.76
N PRO B 179 4.04 -6.10 -22.70
CA PRO B 179 4.94 -5.57 -21.69
C PRO B 179 4.44 -5.74 -20.27
N GLY B 180 5.28 -5.45 -19.30
CA GLY B 180 4.81 -5.45 -17.90
C GLY B 180 5.93 -5.18 -16.92
N PRO B 181 5.64 -5.33 -15.63
CA PRO B 181 6.60 -4.99 -14.60
C PRO B 181 7.52 -6.16 -14.32
N VAL B 182 8.71 -5.83 -13.88
CA VAL B 182 9.72 -6.79 -13.42
C VAL B 182 10.32 -6.30 -12.11
N LEU B 183 10.84 -7.21 -11.28
CA LEU B 183 11.41 -6.82 -9.99
C LEU B 183 12.67 -7.58 -9.74
N LEU B 184 13.71 -6.87 -9.33
CA LEU B 184 14.92 -7.53 -8.78
C LEU B 184 15.06 -7.10 -7.33
N ASP B 185 15.36 -8.08 -6.50
CA ASP B 185 15.63 -7.89 -5.10
C ASP B 185 17.15 -8.04 -4.91
N ILE B 186 17.78 -6.99 -4.41
CA ILE B 186 19.24 -6.90 -4.32
C ILE B 186 19.76 -6.75 -2.89
N PRO B 187 20.31 -7.83 -2.32
CA PRO B 187 20.91 -7.73 -0.99
C PRO B 187 21.96 -6.64 -0.89
N MET B 188 22.02 -5.94 0.23
CA MET B 188 22.94 -4.83 0.41
C MET B 188 24.42 -5.23 0.16
N ASP B 189 24.83 -6.40 0.61
CA ASP B 189 26.23 -6.83 0.37
C ASP B 189 26.55 -7.01 -1.13
N ILE B 190 25.56 -7.42 -1.92
CA ILE B 190 25.74 -7.52 -3.36
C ILE B 190 25.84 -6.14 -3.98
N GLN B 191 25.03 -5.18 -3.50
CA GLN B 191 25.12 -3.77 -3.97
C GLN B 191 26.53 -3.19 -3.79
N ARG B 192 27.23 -3.63 -2.74
CA ARG B 192 28.54 -3.09 -2.37
C ARG B 192 29.71 -3.87 -2.98
N ALA B 193 29.40 -5.04 -3.53
CA ALA B 193 30.42 -5.92 -4.15
C ALA B 193 31.04 -5.34 -5.42
N ASP B 194 32.22 -5.82 -5.78
CA ASP B 194 32.83 -5.50 -7.09
C ASP B 194 32.30 -6.44 -8.18
N ILE B 195 32.04 -5.88 -9.36
CA ILE B 195 31.69 -6.70 -10.52
C ILE B 195 32.80 -6.49 -11.55
N ASP B 196 32.88 -7.41 -12.52
CA ASP B 196 33.90 -7.36 -13.56
C ASP B 196 33.48 -6.42 -14.69
N GLU B 197 34.21 -5.31 -14.82
CA GLU B 197 33.88 -4.26 -15.77
C GLU B 197 33.96 -4.77 -17.20
N ALA B 198 35.03 -5.52 -17.52
CA ALA B 198 35.27 -6.00 -18.88
C ALA B 198 34.12 -6.88 -19.39
N LEU B 199 33.61 -7.73 -18.51
CA LEU B 199 32.48 -8.60 -18.84
C LEU B 199 31.21 -7.76 -19.01
N LEU B 200 31.07 -6.70 -18.23
CA LEU B 200 29.98 -5.73 -18.42
C LEU B 200 29.95 -5.16 -19.84
N ASN B 201 31.12 -4.74 -20.32
CA ASN B 201 31.25 -4.13 -21.64
C ASN B 201 31.56 -5.15 -22.72
N ILE B 215 4.15 -15.61 -39.04
CA ILE B 215 3.06 -14.97 -39.78
C ILE B 215 2.93 -15.55 -41.18
N ALA B 216 1.70 -15.85 -41.58
CA ALA B 216 1.44 -16.41 -42.90
C ALA B 216 0.94 -15.30 -43.81
N MET B 217 1.58 -15.14 -44.97
CA MET B 217 1.10 -14.18 -45.96
C MET B 217 -0.35 -14.49 -46.30
N SER B 218 -0.71 -15.77 -46.34
CA SER B 218 -2.09 -16.19 -46.67
C SER B 218 -3.10 -15.70 -45.61
N ASP B 219 -2.70 -15.65 -44.35
CA ASP B 219 -3.53 -15.08 -43.28
C ASP B 219 -3.70 -13.57 -43.46
N LEU B 220 -2.60 -12.86 -43.72
CA LEU B 220 -2.65 -11.41 -44.02
C LEU B 220 -3.59 -11.08 -45.19
N ASP B 221 -3.48 -11.88 -46.24
CA ASP B 221 -4.34 -11.76 -47.41
C ASP B 221 -5.82 -12.04 -47.09
N PHE B 222 -6.06 -13.04 -46.24
CA PHE B 222 -7.44 -13.39 -45.84
C PHE B 222 -8.10 -12.22 -45.11
N ILE B 223 -7.34 -11.57 -44.26
CA ILE B 223 -7.86 -10.41 -43.54
C ILE B 223 -8.11 -9.22 -44.49
N ILE B 224 -7.19 -9.00 -45.42
CA ILE B 224 -7.36 -7.95 -46.40
C ILE B 224 -8.65 -8.17 -47.17
N ASN B 225 -8.87 -9.41 -47.60
CA ASN B 225 -10.05 -9.76 -48.38
C ASN B 225 -11.36 -9.58 -47.61
N LYS B 226 -11.35 -9.94 -46.33
CA LYS B 226 -12.50 -9.68 -45.50
C LYS B 226 -12.79 -8.17 -45.39
N LEU B 227 -11.74 -7.38 -45.21
CA LEU B 227 -11.92 -5.92 -45.16
C LEU B 227 -12.46 -5.36 -46.47
N GLN B 228 -11.83 -5.78 -47.55
CA GLN B 228 -12.19 -5.35 -48.88
C GLN B 228 -13.68 -5.56 -49.25
N ASN B 229 -14.22 -6.72 -48.86
CA ASN B 229 -15.58 -7.09 -49.20
C ASN B 229 -16.66 -6.69 -48.17
N ALA B 230 -16.24 -6.12 -47.03
CA ALA B 230 -17.18 -5.66 -46.00
C ALA B 230 -17.92 -4.42 -46.50
N LYS B 231 -19.24 -4.34 -46.25
CA LYS B 231 -19.99 -3.13 -46.57
C LYS B 231 -19.94 -2.13 -45.41
N LYS B 232 -19.70 -2.64 -44.20
CA LYS B 232 -19.76 -1.83 -42.98
C LYS B 232 -18.63 -2.25 -42.05
N PRO B 233 -17.37 -1.99 -42.45
CA PRO B 233 -16.22 -2.40 -41.63
C PRO B 233 -16.00 -1.52 -40.41
N LEU B 234 -15.44 -2.11 -39.35
CA LEU B 234 -15.09 -1.33 -38.16
C LEU B 234 -13.87 -1.94 -37.47
N LEU B 235 -12.97 -1.11 -36.98
CA LEU B 235 -11.91 -1.61 -36.10
CA LEU B 235 -11.91 -1.60 -36.13
C LEU B 235 -12.27 -1.41 -34.64
N LEU B 236 -11.83 -2.35 -33.82
CA LEU B 236 -11.74 -2.17 -32.38
CA LEU B 236 -11.76 -2.17 -32.38
C LEU B 236 -10.27 -2.07 -32.03
N ILE B 237 -9.83 -0.87 -31.65
CA ILE B 237 -8.46 -0.61 -31.34
C ILE B 237 -8.30 -0.80 -29.86
N GLY B 238 -7.48 -1.76 -29.47
CA GLY B 238 -7.25 -2.04 -28.05
C GLY B 238 -5.91 -1.59 -27.53
N GLY B 239 -5.69 -1.87 -26.26
CA GLY B 239 -4.46 -1.54 -25.59
C GLY B 239 -3.22 -2.16 -26.20
N GLY B 240 -3.37 -3.32 -26.83
CA GLY B 240 -2.24 -3.99 -27.46
C GLY B 240 -1.72 -3.31 -28.71
N ALA B 241 -2.54 -2.45 -29.31
CA ALA B 241 -2.23 -1.80 -30.56
C ALA B 241 -1.49 -0.49 -30.35
N VAL B 242 -2.01 0.33 -29.43
CA VAL B 242 -1.72 1.76 -29.47
C VAL B 242 -0.32 2.15 -29.05
N ASN B 243 0.33 1.33 -28.23
CA ASN B 243 1.71 1.56 -27.79
C ASN B 243 2.74 0.70 -28.52
N SER B 244 2.29 -0.03 -29.53
CA SER B 244 3.15 -0.85 -30.38
C SER B 244 3.72 0.02 -31.51
N SER B 245 4.99 -0.17 -31.82
CA SER B 245 5.67 0.65 -32.82
C SER B 245 4.92 0.63 -34.15
N GLY B 246 4.76 1.81 -34.75
CA GLY B 246 4.12 1.94 -36.05
C GLY B 246 2.62 2.17 -36.03
N PHE B 247 2.01 2.19 -34.83
CA PHE B 247 0.57 2.28 -34.77
C PHE B 247 -0.03 3.53 -35.43
N GLN B 248 0.46 4.71 -35.07
CA GLN B 248 -0.18 5.93 -35.57
C GLN B 248 -0.04 6.06 -37.08
N LYS B 249 1.11 5.68 -37.62
CA LYS B 249 1.27 5.70 -39.09
C LYS B 249 0.33 4.71 -39.77
N TRP B 250 0.11 3.55 -39.15
CA TRP B 250 -0.81 2.54 -39.67
C TRP B 250 -2.24 3.10 -39.62
N LEU B 251 -2.60 3.74 -38.50
CA LEU B 251 -3.93 4.34 -38.40
C LEU B 251 -4.18 5.44 -39.42
N GLU B 252 -3.14 6.21 -39.75
CA GLU B 252 -3.27 7.24 -40.79
C GLU B 252 -3.74 6.62 -42.10
N GLN B 253 -3.23 5.45 -42.40
CA GLN B 253 -3.57 4.76 -43.63
C GLN B 253 -5.00 4.18 -43.59
N ILE B 254 -5.41 3.68 -42.43
CA ILE B 254 -6.81 3.31 -42.23
C ILE B 254 -7.74 4.49 -42.52
N GLU B 255 -7.39 5.68 -42.01
CA GLU B 255 -8.17 6.87 -42.27
C GLU B 255 -8.17 7.23 -43.74
N LEU B 256 -7.01 7.11 -44.41
CA LEU B 256 -6.97 7.37 -45.87
C LEU B 256 -7.98 6.48 -46.63
N ARG B 257 -8.12 5.24 -46.18
CA ARG B 257 -9.10 4.32 -46.78
C ARG B 257 -10.54 4.52 -46.29
N GLY B 258 -10.72 5.36 -45.26
CA GLY B 258 -12.06 5.73 -44.79
C GLY B 258 -12.74 4.65 -43.96
N ILE B 259 -11.97 3.91 -43.19
CA ILE B 259 -12.53 2.85 -42.35
C ILE B 259 -12.69 3.41 -40.93
N PRO B 260 -13.90 3.32 -40.37
CA PRO B 260 -14.11 3.86 -39.03
C PRO B 260 -13.65 2.91 -37.92
N TYR B 261 -13.62 3.42 -36.70
CA TYR B 261 -13.14 2.63 -35.59
C TYR B 261 -13.64 3.15 -34.23
N VAL B 262 -13.61 2.22 -33.28
CA VAL B 262 -13.86 2.46 -31.86
C VAL B 262 -12.66 1.94 -31.10
N ALA B 263 -12.64 2.20 -29.80
CA ALA B 263 -11.55 1.73 -28.94
C ALA B 263 -12.00 1.29 -27.57
N SER B 264 -11.24 0.40 -26.95
CA SER B 264 -11.39 0.09 -25.57
C SER B 264 -10.87 1.26 -24.76
N LEU B 265 -11.05 1.23 -23.46
CA LEU B 265 -10.48 2.27 -22.62
C LEU B 265 -8.99 2.40 -22.89
N LYS B 266 -8.32 1.27 -22.98
CA LYS B 266 -6.87 1.34 -23.07
C LYS B 266 -6.43 1.81 -24.46
N GLY B 267 -7.18 1.44 -25.50
CA GLY B 267 -6.92 2.00 -26.85
C GLY B 267 -7.21 3.49 -26.89
N ALA B 268 -8.33 3.89 -26.28
CA ALA B 268 -8.83 5.26 -26.27
C ALA B 268 -7.82 6.27 -25.69
N GLU B 269 -6.87 5.77 -24.88
CA GLU B 269 -5.89 6.58 -24.22
C GLU B 269 -5.04 7.37 -25.20
N LYS B 270 -4.86 6.81 -26.41
CA LYS B 270 -3.86 7.30 -27.34
C LYS B 270 -4.39 7.71 -28.70
N ILE B 271 -5.70 7.82 -28.83
CA ILE B 271 -6.33 8.08 -30.12
C ILE B 271 -6.87 9.49 -30.21
N LYS B 272 -6.34 10.25 -31.18
CA LYS B 272 -6.79 11.58 -31.44
C LYS B 272 -8.24 11.61 -31.97
N ALA B 273 -8.98 12.62 -31.55
CA ALA B 273 -10.33 12.87 -32.05
C ALA B 273 -10.33 12.99 -33.56
N SER B 274 -11.31 12.35 -34.18
CA SER B 274 -11.47 12.29 -35.63
C SER B 274 -12.93 11.91 -35.95
N ASP B 275 -13.42 12.32 -37.12
CA ASP B 275 -14.77 11.92 -37.55
C ASP B 275 -14.93 10.41 -37.74
N LEU B 276 -13.82 9.72 -37.99
CA LEU B 276 -13.84 8.26 -38.15
C LEU B 276 -13.68 7.50 -36.83
N TYR B 277 -13.35 8.21 -35.75
CA TYR B 277 -13.22 7.64 -34.41
C TYR B 277 -14.45 7.90 -33.57
N LEU B 278 -15.25 6.86 -33.34
CA LEU B 278 -16.53 7.06 -32.67
CA LEU B 278 -16.53 7.03 -32.67
C LEU B 278 -16.45 7.09 -31.16
N GLY B 279 -15.25 6.90 -30.61
CA GLY B 279 -15.00 6.94 -29.16
C GLY B 279 -14.84 5.56 -28.56
N MET B 280 -14.92 5.52 -27.24
CA MET B 280 -14.79 4.29 -26.49
C MET B 280 -16.05 3.44 -26.60
N LEU B 281 -15.90 2.12 -26.74
CA LEU B 281 -17.06 1.22 -26.70
C LEU B 281 -17.27 0.71 -25.26
N GLY B 282 -18.38 0.02 -25.06
CA GLY B 282 -18.63 -0.74 -23.85
C GLY B 282 -19.62 -0.12 -22.91
N ALA B 283 -19.59 -0.56 -21.67
CA ALA B 283 -20.61 -0.23 -20.68
C ALA B 283 -20.81 1.28 -20.55
N TYR B 284 -19.70 2.02 -20.53
CA TYR B 284 -19.70 3.46 -20.38
C TYR B 284 -19.31 4.17 -21.67
N GLY B 285 -19.23 3.41 -22.74
CA GLY B 285 -18.74 3.95 -24.01
C GLY B 285 -19.78 4.85 -24.66
N THR B 286 -19.39 5.54 -25.73
CA THR B 286 -20.34 6.40 -26.44
C THR B 286 -21.46 5.56 -27.11
N ARG B 287 -22.66 6.12 -27.12
CA ARG B 287 -23.77 5.47 -27.78
C ARG B 287 -23.44 5.20 -29.24
N ALA B 288 -22.71 6.13 -29.87
CA ALA B 288 -22.31 5.96 -31.27
C ALA B 288 -21.34 4.81 -31.50
N ALA B 289 -20.39 4.62 -30.58
CA ALA B 289 -19.40 3.57 -30.72
C ALA B 289 -20.07 2.23 -30.59
N ASN B 290 -20.94 2.13 -29.58
CA ASN B 290 -21.70 0.90 -29.38
C ASN B 290 -22.65 0.58 -30.53
N HIS B 291 -23.27 1.62 -31.08
CA HIS B 291 -24.08 1.48 -32.28
C HIS B 291 -23.23 0.92 -33.43
N ALA B 292 -22.06 1.50 -33.65
CA ALA B 292 -21.17 1.01 -34.73
C ALA B 292 -20.84 -0.48 -34.56
N VAL B 293 -20.47 -0.87 -33.34
CA VAL B 293 -20.11 -2.26 -33.07
C VAL B 293 -21.26 -3.21 -33.35
N GLN B 294 -22.48 -2.84 -32.95
CA GLN B 294 -23.62 -3.73 -33.16
C GLN B 294 -24.23 -3.68 -34.57
N ASN B 295 -23.74 -2.80 -35.44
CA ASN B 295 -24.27 -2.72 -36.82
C ASN B 295 -23.25 -2.95 -37.92
N CYS B 296 -21.97 -3.06 -37.56
CA CYS B 296 -20.92 -3.39 -38.53
C CYS B 296 -21.08 -4.82 -39.06
N ASP B 297 -20.58 -5.10 -40.26
CA ASP B 297 -20.57 -6.46 -40.79
C ASP B 297 -19.20 -7.14 -40.70
N LEU B 298 -18.19 -6.38 -40.33
CA LEU B 298 -16.87 -6.94 -40.06
C LEU B 298 -16.23 -6.12 -38.95
N LEU B 299 -15.84 -6.80 -37.89
CA LEU B 299 -15.12 -6.17 -36.80
C LEU B 299 -13.70 -6.76 -36.73
N LEU B 300 -12.70 -5.91 -36.94
CA LEU B 300 -11.28 -6.25 -36.78
C LEU B 300 -10.73 -5.77 -35.45
N VAL B 301 -10.50 -6.72 -34.56
CA VAL B 301 -10.11 -6.42 -33.19
C VAL B 301 -8.60 -6.54 -33.05
N LEU B 302 -7.99 -5.44 -32.66
CA LEU B 302 -6.52 -5.33 -32.56
C LEU B 302 -6.09 -5.16 -31.12
N GLY B 303 -5.65 -6.25 -30.52
CA GLY B 303 -5.11 -6.24 -29.15
C GLY B 303 -6.09 -5.76 -28.07
N SER B 304 -7.29 -6.33 -28.07
CA SER B 304 -8.25 -6.12 -27.01
C SER B 304 -8.67 -7.43 -26.40
N ARG B 305 -8.82 -7.43 -25.08
CA ARG B 305 -9.28 -8.61 -24.36
C ARG B 305 -10.77 -8.91 -24.54
N MET B 306 -11.56 -7.91 -24.96
CA MET B 306 -13.02 -8.03 -25.05
C MET B 306 -13.54 -8.60 -23.73
N ASP B 307 -13.15 -7.90 -22.66
CA ASP B 307 -13.61 -8.18 -21.30
C ASP B 307 -15.03 -7.66 -21.07
N VAL B 308 -15.54 -7.89 -19.88
CA VAL B 308 -16.92 -7.61 -19.58
C VAL B 308 -17.27 -6.12 -19.70
N ARG B 309 -16.30 -5.24 -19.46
CA ARG B 309 -16.57 -3.82 -19.63
C ARG B 309 -16.73 -3.43 -21.08
N GLN B 310 -16.13 -4.18 -22.01
CA GLN B 310 -16.29 -3.91 -23.45
C GLN B 310 -17.56 -4.51 -24.05
N THR B 311 -17.92 -5.69 -23.58
CA THR B 311 -19.00 -6.47 -24.17
C THR B 311 -20.30 -6.46 -23.38
N GLY B 312 -20.24 -6.08 -22.12
CA GLY B 312 -21.35 -6.35 -21.21
C GLY B 312 -21.50 -7.84 -20.91
N ALA B 313 -22.65 -8.21 -20.39
CA ALA B 313 -22.84 -9.56 -19.87
C ALA B 313 -23.20 -10.58 -20.95
N GLN B 314 -23.40 -10.13 -22.19
CA GLN B 314 -23.75 -11.03 -23.29
C GLN B 314 -22.66 -11.03 -24.36
N PRO B 315 -21.50 -11.62 -24.05
CA PRO B 315 -20.50 -11.66 -25.12
C PRO B 315 -20.97 -12.37 -26.40
N GLU B 316 -21.90 -13.32 -26.28
CA GLU B 316 -22.52 -13.98 -27.47
C GLU B 316 -23.12 -13.03 -28.48
N ASP B 317 -23.55 -11.87 -27.98
CA ASP B 317 -24.23 -10.86 -28.75
C ASP B 317 -23.28 -9.79 -29.28
N PHE B 318 -21.99 -9.86 -28.93
CA PHE B 318 -21.02 -8.85 -29.31
C PHE B 318 -20.86 -8.78 -30.84
N ALA B 319 -21.04 -7.58 -31.37
CA ALA B 319 -20.97 -7.35 -32.83
C ALA B 319 -21.87 -8.31 -33.58
N ARG B 320 -23.15 -8.33 -33.22
CA ARG B 320 -24.10 -9.37 -33.65
C ARG B 320 -24.28 -9.51 -35.16
N ASN B 321 -24.06 -8.43 -35.89
CA ASN B 321 -24.24 -8.46 -37.34
C ASN B 321 -22.94 -8.67 -38.09
N ALA B 322 -21.87 -8.91 -37.36
CA ALA B 322 -20.53 -8.96 -37.96
C ALA B 322 -19.86 -10.34 -37.88
N GLU B 323 -18.94 -10.57 -38.80
CA GLU B 323 -17.89 -11.55 -38.58
C GLU B 323 -16.81 -10.82 -37.80
N ILE B 324 -16.22 -11.49 -36.81
CA ILE B 324 -15.20 -10.89 -35.96
C ILE B 324 -13.86 -11.59 -36.27
N ILE B 325 -12.86 -10.76 -36.50
CA ILE B 325 -11.44 -11.18 -36.58
C ILE B 325 -10.74 -10.61 -35.34
N GLN B 326 -10.01 -11.45 -34.62
CA GLN B 326 -9.24 -10.98 -33.47
C GLN B 326 -7.79 -11.29 -33.69
N ILE B 327 -6.97 -10.26 -33.52
CA ILE B 327 -5.51 -10.42 -33.56
C ILE B 327 -4.97 -10.14 -32.15
N ASP B 328 -4.17 -11.08 -31.63
CA ASP B 328 -3.60 -10.95 -30.28
C ASP B 328 -2.30 -11.75 -30.24
N LEU B 329 -1.34 -11.28 -29.47
CA LEU B 329 -0.08 -12.01 -29.24
C LEU B 329 -0.24 -13.25 -28.36
N GLN B 330 -1.27 -13.21 -27.51
CA GLN B 330 -1.41 -14.18 -26.44
C GLN B 330 -2.54 -15.13 -26.71
N GLU B 331 -2.19 -16.39 -26.90
CA GLU B 331 -3.16 -17.43 -27.26
C GLU B 331 -4.35 -17.46 -26.28
N GLY B 332 -4.05 -17.31 -24.99
CA GLY B 332 -5.08 -17.32 -23.94
C GLY B 332 -6.13 -16.22 -24.07
N GLN B 333 -5.75 -15.11 -24.70
CA GLN B 333 -6.68 -13.97 -24.89
C GLN B 333 -7.50 -14.13 -26.19
N LEU B 334 -7.09 -15.08 -27.04
CA LEU B 334 -7.91 -15.52 -28.15
C LEU B 334 -8.91 -16.59 -27.68
N ASN B 335 -10.04 -16.68 -28.38
CA ASN B 335 -11.08 -17.71 -28.08
C ASN B 335 -11.48 -17.74 -26.61
N ASN B 336 -11.60 -16.55 -26.02
CA ASN B 336 -11.80 -16.43 -24.59
C ASN B 336 -13.28 -16.14 -24.32
N ARG B 337 -13.63 -14.89 -24.04
CA ARG B 337 -15.02 -14.51 -23.79
CA ARG B 337 -15.03 -14.51 -23.78
C ARG B 337 -15.82 -14.40 -25.10
N VAL B 338 -15.25 -13.64 -26.03
CA VAL B 338 -15.81 -13.55 -27.40
C VAL B 338 -15.02 -14.50 -28.27
N ILE B 339 -15.69 -15.46 -28.88
CA ILE B 339 -15.03 -16.37 -29.81
C ILE B 339 -15.08 -15.74 -31.19
N ALA B 340 -13.92 -15.27 -31.67
CA ALA B 340 -13.91 -14.67 -32.99
C ALA B 340 -14.17 -15.70 -34.08
N ASP B 341 -14.71 -15.24 -35.20
CA ASP B 341 -14.86 -16.11 -36.36
C ASP B 341 -13.49 -16.58 -36.83
N PHE B 342 -12.51 -15.68 -36.77
CA PHE B 342 -11.13 -15.91 -37.22
C PHE B 342 -10.18 -15.28 -36.21
N SER B 343 -9.26 -16.09 -35.71
CA SER B 343 -8.31 -15.65 -34.68
C SER B 343 -6.89 -15.88 -35.17
N TYR B 344 -6.04 -14.87 -34.96
CA TYR B 344 -4.66 -14.89 -35.42
C TYR B 344 -3.72 -14.48 -34.31
N GLN B 345 -2.74 -15.34 -34.03
CA GLN B 345 -1.70 -15.05 -33.03
C GLN B 345 -0.53 -14.31 -33.70
N ILE B 346 -0.56 -12.99 -33.59
CA ILE B 346 0.39 -12.09 -34.24
C ILE B 346 0.71 -10.96 -33.26
N GLU B 347 1.99 -10.62 -33.16
CA GLU B 347 2.40 -9.43 -32.40
C GLU B 347 2.13 -8.22 -33.27
N LEU B 348 1.46 -7.22 -32.72
CA LEU B 348 0.94 -6.10 -33.51
C LEU B 348 1.94 -5.16 -34.20
N SER B 349 3.10 -4.89 -33.60
CA SER B 349 4.10 -4.10 -34.33
C SER B 349 4.52 -4.84 -35.58
N GLU B 350 4.64 -6.15 -35.51
CA GLU B 350 4.97 -6.95 -36.70
C GLU B 350 3.84 -6.87 -37.70
N TYR B 351 2.62 -7.01 -37.22
CA TYR B 351 1.45 -6.86 -38.09
C TYR B 351 1.43 -5.53 -38.84
N PHE B 352 1.72 -4.44 -38.14
CA PHE B 352 1.64 -3.12 -38.74
C PHE B 352 2.73 -2.97 -39.81
N SER B 353 3.91 -3.55 -39.58
CA SER B 353 4.99 -3.46 -40.59
C SER B 353 4.73 -4.38 -41.80
N ARG B 354 4.06 -5.51 -41.56
CA ARG B 354 3.71 -6.47 -42.62
C ARG B 354 2.42 -6.16 -43.41
N PHE B 355 1.55 -5.34 -42.87
CA PHE B 355 0.26 -5.03 -43.53
C PHE B 355 0.03 -3.53 -43.59
N SER B 356 0.19 -2.97 -44.79
CA SER B 356 -0.20 -1.59 -45.02
C SER B 356 -1.67 -1.52 -45.39
N PRO B 357 -2.50 -0.70 -44.68
CA PRO B 357 -3.90 -0.57 -45.08
C PRO B 357 -4.11 -0.03 -46.49
N LEU B 358 -3.10 0.63 -47.04
CA LEU B 358 -3.15 1.03 -48.46
C LEU B 358 -3.35 -0.14 -49.43
N GLN B 359 -3.02 -1.36 -49.01
CA GLN B 359 -3.26 -2.56 -49.82
C GLN B 359 -4.71 -3.01 -49.87
N ILE B 360 -5.57 -2.40 -49.05
CA ILE B 360 -7.01 -2.64 -49.15
C ILE B 360 -7.54 -1.85 -50.34
N PRO B 361 -8.21 -2.51 -51.30
CA PRO B 361 -8.72 -1.71 -52.41
C PRO B 361 -9.61 -0.55 -51.95
N VAL B 362 -9.53 0.55 -52.68
CA VAL B 362 -10.37 1.71 -52.39
C VAL B 362 -11.84 1.34 -52.64
N ASN B 363 -12.70 1.69 -51.67
CA ASN B 363 -14.10 1.29 -51.72
C ASN B 363 -15.01 2.46 -51.36
N ASN B 364 -15.80 2.90 -52.31
CA ASN B 364 -16.68 4.02 -52.03
C ASN B 364 -18.01 3.66 -51.39
N ASP B 365 -18.36 2.38 -51.33
CA ASP B 365 -19.54 1.92 -50.56
C ASP B 365 -19.46 2.35 -49.08
N TRP B 366 -18.24 2.51 -48.57
CA TRP B 366 -18.01 2.83 -47.14
C TRP B 366 -18.39 4.26 -46.75
N SER B 367 -18.41 5.19 -47.70
CA SER B 367 -18.77 6.58 -47.38
CA SER B 367 -18.77 6.57 -47.39
C SER B 367 -20.17 6.69 -46.75
N VAL B 368 -21.14 5.92 -47.26
CA VAL B 368 -22.51 5.97 -46.77
C VAL B 368 -22.50 5.53 -45.30
N TRP B 369 -21.72 4.48 -45.02
CA TRP B 369 -21.60 3.92 -43.66
C TRP B 369 -20.91 4.91 -42.70
N THR B 370 -19.81 5.52 -43.11
CA THR B 370 -19.11 6.43 -42.23
C THR B 370 -19.88 7.75 -42.06
N ALA B 371 -20.59 8.19 -43.10
CA ALA B 371 -21.53 9.30 -42.94
C ALA B 371 -22.64 8.97 -41.94
N LEU B 372 -23.16 7.75 -42.00
CA LEU B 372 -24.19 7.30 -41.07
C LEU B 372 -23.65 7.37 -39.64
N LEU B 373 -22.42 6.91 -39.45
CA LEU B 373 -21.86 6.89 -38.12
C LEU B 373 -21.54 8.30 -37.61
N LYS B 374 -21.04 9.17 -38.49
CA LYS B 374 -20.76 10.55 -38.10
C LYS B 374 -22.05 11.23 -37.63
N GLU B 375 -23.16 10.99 -38.35
CA GLU B 375 -24.43 11.59 -38.01
C GLU B 375 -24.93 11.01 -36.68
N LYS B 376 -24.72 9.72 -36.46
CA LYS B 376 -25.10 9.08 -35.20
C LYS B 376 -24.34 9.74 -34.05
N PHE B 377 -23.05 9.95 -34.25
CA PHE B 377 -22.21 10.63 -33.27
C PHE B 377 -22.70 12.05 -33.02
N ARG B 378 -23.01 12.76 -34.10
CA ARG B 378 -23.48 14.15 -33.96
C ARG B 378 -24.73 14.26 -33.08
N VAL B 379 -25.68 13.36 -33.29
CA VAL B 379 -26.96 13.41 -32.62
C VAL B 379 -26.98 12.77 -31.23
N THR B 380 -26.04 11.85 -30.95
CA THR B 380 -25.99 11.19 -29.63
C THR B 380 -24.85 11.64 -28.71
N PHE B 381 -23.81 12.26 -29.24
CA PHE B 381 -22.68 12.72 -28.40
C PHE B 381 -23.04 14.10 -27.87
N ILE B 382 -23.92 14.10 -26.88
CA ILE B 382 -24.56 15.29 -26.37
C ILE B 382 -24.72 15.21 -24.86
N ASP B 383 -25.01 16.35 -24.28
CA ASP B 383 -25.24 16.47 -22.84
C ASP B 383 -26.47 15.71 -22.34
N GLU B 384 -26.24 14.71 -21.50
CA GLU B 384 -27.30 13.90 -20.92
C GLU B 384 -27.56 14.28 -19.47
N TYR B 385 -26.95 15.38 -19.04
CA TYR B 385 -27.04 15.82 -17.65
C TYR B 385 -27.54 17.26 -17.58
N THR B 386 -28.51 17.62 -18.42
CA THR B 386 -28.89 19.02 -18.55
C THR B 386 -29.60 19.56 -17.32
N THR B 387 -30.11 18.66 -16.46
CA THR B 387 -30.81 19.07 -15.24
C THR B 387 -29.93 19.00 -13.98
N TRP B 388 -28.64 18.73 -14.18
CA TRP B 388 -27.69 18.83 -13.08
C TRP B 388 -27.14 20.24 -13.04
N ASN B 389 -26.63 20.63 -11.87
CA ASN B 389 -26.07 21.95 -11.71
C ASN B 389 -24.80 22.16 -12.54
N LEU B 390 -23.94 21.16 -12.50
CA LEU B 390 -22.78 21.14 -13.40
C LEU B 390 -22.78 19.82 -14.15
N SER B 391 -22.87 19.88 -15.48
CA SER B 391 -22.82 18.67 -16.26
C SER B 391 -21.38 18.19 -16.47
N PRO B 392 -21.10 16.92 -16.19
CA PRO B 392 -19.77 16.39 -16.51
C PRO B 392 -19.50 16.55 -18.02
N PHE B 393 -20.54 16.37 -18.84
CA PHE B 393 -20.34 16.45 -20.28
C PHE B 393 -19.90 17.88 -20.64
N GLY B 394 -20.54 18.88 -20.05
CA GLY B 394 -20.12 20.27 -20.24
C GLY B 394 -18.70 20.57 -19.75
N LEU B 395 -18.31 20.00 -18.62
CA LEU B 395 -16.94 20.22 -18.11
C LEU B 395 -15.88 19.65 -19.06
N PHE B 396 -16.09 18.41 -19.53
CA PHE B 396 -15.14 17.78 -20.41
C PHE B 396 -15.18 18.33 -21.81
N THR B 397 -16.35 18.81 -22.28
CA THR B 397 -16.34 19.47 -23.57
CA THR B 397 -16.47 19.55 -23.55
C THR B 397 -15.62 20.82 -23.50
N GLN B 398 -15.66 21.51 -22.33
CA GLN B 398 -14.87 22.72 -22.12
CA GLN B 398 -14.87 22.74 -22.14
C GLN B 398 -13.37 22.41 -22.09
N LEU B 399 -13.00 21.28 -21.46
CA LEU B 399 -11.58 20.86 -21.49
C LEU B 399 -11.16 20.64 -22.95
N ASN B 400 -11.98 19.90 -23.70
CA ASN B 400 -11.62 19.60 -25.10
C ASN B 400 -11.38 20.90 -25.90
N LYS B 401 -12.31 21.85 -25.74
CA LYS B 401 -12.27 23.13 -26.47
C LYS B 401 -11.11 24.00 -26.04
N LEU B 402 -11.00 24.22 -24.74
CA LEU B 402 -9.99 25.15 -24.24
C LEU B 402 -8.54 24.64 -24.44
N THR B 403 -8.33 23.33 -24.50
CA THR B 403 -6.97 22.76 -24.66
C THR B 403 -6.63 22.41 -26.11
N GLU B 404 -7.43 22.87 -27.07
CA GLU B 404 -7.31 22.42 -28.46
C GLU B 404 -5.92 22.56 -29.03
N ARG B 405 -5.21 23.60 -28.63
CA ARG B 405 -3.86 23.83 -29.19
C ARG B 405 -2.76 23.63 -28.15
N VAL B 406 -3.06 22.85 -27.12
CA VAL B 406 -2.13 22.69 -26.01
C VAL B 406 -1.72 21.23 -25.89
N ALA B 407 -0.41 20.97 -25.89
CA ALA B 407 0.09 19.64 -25.64
C ALA B 407 0.09 19.43 -24.14
N LEU B 408 -0.75 18.50 -23.71
CA LEU B 408 -0.87 18.10 -22.31
C LEU B 408 -1.51 16.73 -22.25
N ASP B 409 -1.29 16.03 -21.13
CA ASP B 409 -1.98 14.75 -20.89
C ASP B 409 -2.93 14.87 -19.73
N TYR B 410 -3.93 14.01 -19.77
CA TYR B 410 -4.87 13.82 -18.66
C TYR B 410 -4.55 12.55 -17.89
N ILE B 411 -4.63 12.59 -16.58
CA ILE B 411 -4.53 11.39 -15.74
C ILE B 411 -5.84 11.27 -15.00
N LEU B 412 -6.44 10.09 -15.07
CA LEU B 412 -7.74 9.85 -14.46
C LEU B 412 -7.58 8.93 -13.27
N ASP B 413 -8.44 9.15 -12.28
CA ASP B 413 -8.52 8.23 -11.14
C ASP B 413 -9.57 7.16 -11.42
N VAL B 414 -10.27 6.65 -10.39
CA VAL B 414 -11.23 5.59 -10.61
C VAL B 414 -12.58 5.92 -9.97
N GLY B 415 -13.66 5.79 -10.73
CA GLY B 415 -14.99 6.11 -10.21
C GLY B 415 -15.85 6.68 -11.31
N ASN B 416 -17.00 7.22 -10.94
CA ASN B 416 -17.84 7.88 -11.96
C ASN B 416 -17.07 8.94 -12.73
N ASN B 417 -16.29 9.74 -11.99
CA ASN B 417 -15.46 10.80 -12.58
C ASN B 417 -14.58 10.29 -13.72
N GLN B 418 -14.00 9.12 -13.53
CA GLN B 418 -13.13 8.55 -14.54
C GLN B 418 -13.91 8.25 -15.80
N MET B 419 -15.13 7.74 -15.64
CA MET B 419 -15.94 7.35 -16.80
C MET B 419 -16.55 8.56 -17.48
N TRP B 420 -16.85 9.62 -16.73
CA TRP B 420 -17.22 10.90 -17.36
C TRP B 420 -16.13 11.32 -18.33
N ALA B 421 -14.86 11.20 -17.91
CA ALA B 421 -13.73 11.56 -18.75
C ALA B 421 -13.53 10.60 -19.89
N ALA B 422 -13.62 9.30 -19.64
CA ALA B 422 -13.36 8.30 -20.70
C ALA B 422 -14.36 8.47 -21.83
N HIS B 423 -15.61 8.77 -21.49
CA HIS B 423 -16.65 8.95 -22.49
C HIS B 423 -16.43 10.21 -23.34
N THR B 424 -16.16 11.34 -22.69
CA THR B 424 -16.31 12.64 -23.35
C THR B 424 -14.99 13.26 -23.80
N LEU B 425 -13.86 12.89 -23.20
CA LEU B 425 -12.60 13.41 -23.70
C LEU B 425 -12.40 13.08 -25.17
N ARG B 426 -12.06 14.11 -25.94
CA ARG B 426 -11.76 13.99 -27.36
C ARG B 426 -10.40 14.62 -27.52
N LEU B 427 -9.39 13.77 -27.65
CA LEU B 427 -8.00 14.19 -27.54
C LEU B 427 -7.55 14.98 -28.75
N ASN B 428 -6.91 16.10 -28.48
CA ASN B 428 -6.31 16.95 -29.49
C ASN B 428 -4.94 16.37 -29.86
N ALA B 429 -4.22 16.98 -30.81
CA ALA B 429 -3.09 16.32 -31.48
C ALA B 429 -1.94 15.71 -30.64
N GLN B 430 -1.54 16.37 -29.57
CA GLN B 430 -0.42 15.94 -28.75
C GLN B 430 -0.90 15.70 -27.34
N GLN B 431 -2.04 15.03 -27.25
CA GLN B 431 -2.66 14.75 -25.97
C GLN B 431 -2.93 13.26 -25.83
N ALA B 432 -2.70 12.74 -24.62
CA ALA B 432 -3.13 11.40 -24.25
C ALA B 432 -3.84 11.47 -22.90
N MET B 433 -4.60 10.44 -22.62
CA MET B 433 -5.18 10.26 -21.27
C MET B 433 -4.70 8.93 -20.73
N HIS B 434 -4.67 8.80 -19.40
CA HIS B 434 -4.11 7.60 -18.76
C HIS B 434 -5.05 7.10 -17.67
N HIS B 435 -5.36 5.81 -17.77
CA HIS B 435 -6.24 5.11 -16.83
C HIS B 435 -5.59 3.90 -16.19
N SER B 436 -6.05 3.60 -14.97
CA SER B 436 -5.91 2.28 -14.38
C SER B 436 -7.13 1.48 -14.82
N GLY B 437 -6.96 0.69 -15.88
CA GLY B 437 -8.07 -0.01 -16.49
C GLY B 437 -8.39 -1.36 -15.90
N GLY B 438 -7.37 -2.25 -15.87
CA GLY B 438 -7.60 -3.61 -15.45
C GLY B 438 -7.73 -3.74 -13.95
N LEU B 439 -6.84 -3.07 -13.27
CA LEU B 439 -6.83 -3.06 -11.81
C LEU B 439 -7.85 -2.04 -11.28
N GLY B 440 -7.98 -0.90 -11.94
CA GLY B 440 -8.91 0.15 -11.46
C GLY B 440 -8.57 0.64 -10.06
N SER B 441 -7.32 0.99 -9.84
CA SER B 441 -6.92 1.45 -8.51
CA SER B 441 -6.91 1.45 -8.51
C SER B 441 -7.18 2.93 -8.26
N MET B 442 -8.05 3.23 -7.29
CA MET B 442 -8.19 4.60 -6.79
C MET B 442 -6.84 5.05 -6.22
N GLY B 443 -6.58 6.35 -6.25
CA GLY B 443 -5.32 6.90 -5.77
C GLY B 443 -4.20 6.89 -6.80
N PHE B 444 -4.45 6.38 -8.01
CA PHE B 444 -3.49 6.36 -9.11
C PHE B 444 -3.11 7.75 -9.62
N ALA B 445 -4.10 8.62 -9.74
CA ALA B 445 -3.96 9.77 -10.59
C ALA B 445 -2.94 10.80 -10.12
N ILE B 446 -3.03 11.22 -8.87
CA ILE B 446 -2.15 12.29 -8.41
C ILE B 446 -0.67 11.89 -8.54
N PRO B 447 -0.26 10.75 -7.99
CA PRO B 447 1.15 10.36 -8.13
C PRO B 447 1.57 10.01 -9.56
N ALA B 448 0.67 9.43 -10.32
CA ALA B 448 0.98 9.12 -11.72
C ALA B 448 1.30 10.42 -12.46
N ALA B 449 0.59 11.50 -12.13
CA ALA B 449 0.79 12.78 -12.77
C ALA B 449 2.21 13.29 -12.54
N ILE B 450 2.79 12.99 -11.39
CA ILE B 450 4.18 13.38 -11.11
C ILE B 450 5.12 12.70 -12.10
N GLY B 451 4.99 11.39 -12.27
CA GLY B 451 5.79 10.65 -13.26
C GLY B 451 5.58 11.12 -14.68
N ALA B 452 4.31 11.34 -15.04
CA ALA B 452 3.93 11.76 -16.39
C ALA B 452 4.53 13.12 -16.70
N CYS B 453 4.45 14.02 -15.74
CA CYS B 453 4.99 15.37 -15.93
C CYS B 453 6.52 15.33 -16.11
N TYR B 454 7.21 14.59 -15.24
CA TYR B 454 8.67 14.48 -15.34
C TYR B 454 9.11 13.87 -16.66
N ALA B 455 8.54 12.74 -17.03
CA ALA B 455 8.98 12.04 -18.23
C ALA B 455 8.41 12.63 -19.52
N GLY B 456 7.21 13.20 -19.46
CA GLY B 456 6.57 13.76 -20.64
C GLY B 456 6.95 15.21 -20.92
N LYS B 457 7.55 15.87 -19.93
CA LYS B 457 7.96 17.28 -20.03
C LYS B 457 6.85 18.15 -20.64
N LYS B 458 5.67 17.98 -20.06
CA LYS B 458 4.48 18.68 -20.52
C LYS B 458 3.53 18.85 -19.35
N PRO B 459 2.61 19.82 -19.43
CA PRO B 459 1.61 19.94 -18.37
C PRO B 459 0.70 18.74 -18.30
N ILE B 460 0.15 18.54 -17.13
CA ILE B 460 -0.73 17.43 -16.86
C ILE B 460 -2.00 17.94 -16.17
N ILE B 461 -3.14 17.39 -16.59
CA ILE B 461 -4.42 17.65 -15.90
C ILE B 461 -4.91 16.34 -15.27
N VAL B 462 -4.95 16.32 -13.95
CA VAL B 462 -5.56 15.24 -13.19
C VAL B 462 -7.06 15.49 -13.00
N ILE B 463 -7.87 14.46 -13.24
CA ILE B 463 -9.23 14.46 -12.70
C ILE B 463 -9.32 13.29 -11.74
N THR B 464 -9.83 13.59 -10.54
CA THR B 464 -9.99 12.59 -9.53
C THR B 464 -11.26 12.87 -8.77
N GLY B 465 -11.84 11.83 -8.19
CA GLY B 465 -12.98 12.02 -7.32
C GLY B 465 -12.55 12.36 -5.91
N ASP B 466 -13.52 12.74 -5.09
CA ASP B 466 -13.26 12.98 -3.67
C ASP B 466 -12.71 11.74 -2.92
N GLY B 467 -13.23 10.54 -3.21
CA GLY B 467 -12.71 9.34 -2.58
C GLY B 467 -11.29 9.05 -3.00
N GLY B 468 -11.05 9.04 -4.31
CA GLY B 468 -9.76 8.69 -4.87
C GLY B 468 -8.65 9.68 -4.55
N ALA B 469 -9.00 10.95 -4.42
CA ALA B 469 -8.03 11.99 -4.08
C ALA B 469 -7.36 11.73 -2.72
N GLN B 470 -8.08 11.08 -1.81
CA GLN B 470 -7.57 10.91 -0.46
C GLN B 470 -6.37 9.98 -0.43
N LEU B 471 -6.38 8.94 -1.28
CA LEU B 471 -5.44 7.82 -1.00
C LEU B 471 -3.96 8.25 -1.05
N ASN B 472 -3.59 9.06 -2.02
CA ASN B 472 -2.23 9.56 -2.14
C ASN B 472 -2.20 11.08 -2.17
N ILE B 473 -3.05 11.67 -1.33
CA ILE B 473 -3.15 13.13 -1.18
C ILE B 473 -1.79 13.72 -0.80
N GLN B 474 -0.98 12.95 -0.08
CA GLN B 474 0.28 13.42 0.46
C GLN B 474 1.24 13.82 -0.65
N GLU B 475 1.10 13.22 -1.84
CA GLU B 475 2.00 13.59 -2.93
C GLU B 475 1.72 14.96 -3.52
N LEU B 476 0.65 15.66 -3.10
CA LEU B 476 0.49 17.08 -3.47
C LEU B 476 1.74 17.88 -3.04
N ASP B 477 2.35 17.44 -1.94
CA ASP B 477 3.55 18.08 -1.43
C ASP B 477 4.71 18.08 -2.45
N ILE B 478 4.79 17.01 -3.24
CA ILE B 478 5.83 16.86 -4.23
C ILE B 478 5.57 17.78 -5.42
N ILE B 479 4.29 17.90 -5.81
CA ILE B 479 3.89 18.81 -6.86
C ILE B 479 4.29 20.24 -6.51
N ALA B 480 4.03 20.64 -5.27
CA ALA B 480 4.45 21.97 -4.79
C ALA B 480 5.97 22.11 -4.73
N ARG B 481 6.62 21.14 -4.04
CA ARG B 481 8.07 21.19 -3.84
C ARG B 481 8.81 21.37 -5.17
N ASP B 482 8.41 20.61 -6.17
CA ASP B 482 9.09 20.56 -7.47
C ASP B 482 8.47 21.48 -8.51
N LYS B 483 7.50 22.29 -8.10
CA LYS B 483 6.88 23.31 -8.95
C LYS B 483 6.41 22.72 -10.27
N LEU B 484 5.69 21.61 -10.18
CA LEU B 484 5.30 20.92 -11.39
C LEU B 484 4.00 21.49 -11.97
N PRO B 485 3.91 21.62 -13.29
CA PRO B 485 2.68 22.15 -13.94
C PRO B 485 1.60 21.11 -14.04
N ILE B 486 1.05 20.77 -12.87
CA ILE B 486 -0.01 19.81 -12.75
C ILE B 486 -1.24 20.49 -12.16
N LEU B 487 -2.32 20.45 -12.93
CA LEU B 487 -3.63 20.90 -12.49
C LEU B 487 -4.39 19.70 -11.94
N THR B 488 -4.78 19.75 -10.66
CA THR B 488 -5.55 18.65 -10.06
C THR B 488 -6.99 19.11 -9.92
N ILE B 489 -7.89 18.43 -10.62
CA ILE B 489 -9.34 18.74 -10.57
C ILE B 489 -10.03 17.66 -9.75
N VAL B 490 -10.52 18.07 -8.60
CA VAL B 490 -11.24 17.17 -7.73
C VAL B 490 -12.73 17.35 -7.95
N MET B 491 -13.38 16.30 -8.46
CA MET B 491 -14.83 16.36 -8.72
C MET B 491 -15.51 15.79 -7.50
N ASN B 492 -15.91 16.70 -6.63
CA ASN B 492 -16.40 16.34 -5.32
C ASN B 492 -17.89 16.21 -5.28
N ASN B 493 -18.38 14.97 -5.30
CA ASN B 493 -19.81 14.68 -5.20
C ASN B 493 -20.15 14.13 -3.82
N HIS B 494 -19.25 14.32 -2.85
CA HIS B 494 -19.47 13.99 -1.44
C HIS B 494 -19.89 12.54 -1.27
N SER B 495 -19.37 11.68 -2.12
CA SER B 495 -19.79 10.28 -2.16
CA SER B 495 -19.77 10.29 -2.13
C SER B 495 -18.79 9.43 -2.90
N LEU B 496 -18.83 8.13 -2.62
CA LEU B 496 -18.09 7.13 -3.36
C LEU B 496 -19.07 6.66 -4.42
N GLY B 497 -19.10 7.43 -5.50
CA GLY B 497 -20.32 7.58 -6.30
C GLY B 497 -20.67 6.30 -7.02
N MET B 498 -19.66 5.66 -7.58
CA MET B 498 -19.90 4.51 -8.45
C MET B 498 -20.42 3.33 -7.66
N VAL B 499 -20.00 3.20 -6.39
CA VAL B 499 -20.56 2.15 -5.53
C VAL B 499 -21.89 2.59 -4.89
N ARG B 500 -22.01 3.90 -4.61
CA ARG B 500 -23.23 4.43 -4.00
C ARG B 500 -24.45 4.13 -4.88
N GLY B 501 -24.26 4.28 -6.20
CA GLY B 501 -25.32 4.00 -7.18
C GLY B 501 -25.72 2.54 -7.19
N PHE B 502 -24.71 1.67 -7.17
CA PHE B 502 -24.91 0.21 -7.17
C PHE B 502 -25.57 -0.19 -5.85
N SER B 512 -24.35 3.91 3.21
CA SER B 512 -23.76 3.76 4.53
C SER B 512 -22.21 3.78 4.47
N SER B 513 -21.65 2.89 3.67
CA SER B 513 -20.20 2.86 3.43
C SER B 513 -19.77 3.67 2.18
N THR B 514 -20.69 4.41 1.55
CA THR B 514 -20.40 5.27 0.39
C THR B 514 -20.90 6.73 0.51
N TYR B 515 -21.58 7.05 1.60
CA TYR B 515 -22.21 8.37 1.77
C TYR B 515 -22.33 8.69 3.24
N TRP B 516 -22.02 9.93 3.60
CA TRP B 516 -22.01 10.34 5.00
C TRP B 516 -22.79 11.64 5.25
N ASN B 517 -24.01 11.67 4.70
CA ASN B 517 -24.95 12.82 4.85
C ASN B 517 -24.39 14.16 4.35
N GLY B 518 -23.52 14.12 3.35
CA GLY B 518 -22.91 15.34 2.80
C GLY B 518 -21.55 15.70 3.40
N TYR B 519 -21.12 14.98 4.44
CA TYR B 519 -19.78 15.15 4.98
C TYR B 519 -18.73 14.96 3.89
N THR B 520 -17.79 15.91 3.81
CA THR B 520 -16.68 15.84 2.86
C THR B 520 -15.47 16.56 3.44
N SER B 521 -14.31 16.20 2.91
CA SER B 521 -13.08 16.92 3.16
C SER B 521 -13.05 18.24 2.40
N GLN B 522 -12.23 19.16 2.89
CA GLN B 522 -12.03 20.46 2.30
C GLN B 522 -10.84 20.44 1.33
N PHE B 523 -11.03 20.01 0.08
CA PHE B 523 -9.85 19.79 -0.80
C PHE B 523 -9.15 21.08 -1.14
N LYS B 524 -9.91 22.15 -1.31
CA LYS B 524 -9.28 23.43 -1.47
C LYS B 524 -8.33 23.76 -0.31
N LYS B 525 -8.77 23.56 0.92
CA LYS B 525 -7.93 23.83 2.08
C LYS B 525 -6.74 22.84 2.20
N ILE B 526 -6.97 21.58 1.84
CA ILE B 526 -5.89 20.60 1.82
C ILE B 526 -4.83 21.02 0.80
N GLY B 527 -5.26 21.46 -0.38
CA GLY B 527 -4.31 21.91 -1.41
C GLY B 527 -3.47 23.05 -0.89
N GLU B 528 -4.14 24.04 -0.29
CA GLU B 528 -3.44 25.19 0.27
C GLU B 528 -2.48 24.82 1.40
N ALA B 529 -2.87 23.87 2.24
CA ALA B 529 -2.03 23.35 3.32
C ALA B 529 -0.75 22.72 2.79
N TYR B 530 -0.84 22.12 1.61
CA TYR B 530 0.30 21.61 0.86
C TYR B 530 0.98 22.64 -0.07
N ARG B 531 0.65 23.91 0.10
CA ARG B 531 1.23 25.01 -0.67
C ARG B 531 0.96 24.93 -2.18
N VAL B 532 -0.17 24.31 -2.55
CA VAL B 532 -0.64 24.32 -3.92
C VAL B 532 -1.79 25.34 -4.00
N GLU B 533 -1.63 26.33 -4.87
CA GLU B 533 -2.68 27.29 -5.18
C GLU B 533 -3.98 26.53 -5.46
N SER B 534 -5.05 26.88 -4.77
CA SER B 534 -6.30 26.15 -4.89
C SER B 534 -7.50 27.08 -5.03
N LYS B 535 -8.54 26.58 -5.67
CA LYS B 535 -9.74 27.37 -5.95
C LYS B 535 -10.96 26.49 -5.76
N THR B 536 -12.01 27.10 -5.22
CA THR B 536 -13.32 26.46 -5.12
C THR B 536 -14.06 26.78 -6.40
N ILE B 537 -14.62 25.76 -7.03
CA ILE B 537 -15.29 25.94 -8.31
C ILE B 537 -16.73 25.51 -8.16
N ILE B 538 -17.65 26.49 -8.25
CA ILE B 538 -19.08 26.26 -8.13
C ILE B 538 -19.79 26.30 -9.51
N SER B 539 -19.27 27.09 -10.44
CA SER B 539 -19.96 27.36 -11.69
C SER B 539 -19.08 27.09 -12.90
N MET B 540 -19.70 27.00 -14.07
CA MET B 540 -18.97 26.81 -15.33
C MET B 540 -18.05 28.00 -15.63
N GLN B 541 -18.47 29.21 -15.27
CA GLN B 541 -17.62 30.37 -15.47
C GLN B 541 -16.35 30.27 -14.65
N ALA B 542 -16.47 29.87 -13.38
CA ALA B 542 -15.32 29.71 -12.52
C ALA B 542 -14.39 28.63 -13.04
N PHE B 543 -14.98 27.54 -13.53
CA PHE B 543 -14.21 26.43 -14.10
C PHE B 543 -13.41 26.93 -15.30
N SER B 544 -14.11 27.58 -16.22
CA SER B 544 -13.49 28.06 -17.45
C SER B 544 -12.38 29.07 -17.18
N SER B 545 -12.66 30.03 -16.31
CA SER B 545 -11.65 31.01 -15.91
C SER B 545 -10.37 30.37 -15.31
N ALA B 546 -10.56 29.36 -14.45
CA ALA B 546 -9.42 28.69 -13.78
C ALA B 546 -8.59 27.88 -14.77
N LEU B 547 -9.28 27.20 -15.66
CA LEU B 547 -8.60 26.46 -16.72
C LEU B 547 -7.81 27.36 -17.67
N GLU B 548 -8.40 28.48 -18.05
CA GLU B 548 -7.71 29.47 -18.86
C GLU B 548 -6.47 29.95 -18.14
N SER B 549 -6.57 30.20 -16.84
CA SER B 549 -5.42 30.65 -16.05
C SER B 549 -4.30 29.62 -16.08
N PHE B 550 -4.65 28.36 -15.82
CA PHE B 550 -3.67 27.28 -15.86
C PHE B 550 -2.98 27.19 -17.22
N LEU B 551 -3.75 27.21 -18.30
CA LEU B 551 -3.18 27.08 -19.64
C LEU B 551 -2.28 28.25 -20.00
N GLU B 552 -2.64 29.44 -19.54
CA GLU B 552 -1.83 30.65 -19.74
CA GLU B 552 -1.79 30.58 -19.83
C GLU B 552 -0.50 30.56 -19.02
N SER B 553 -0.54 30.07 -17.77
CA SER B 553 0.65 29.96 -16.94
C SER B 553 0.62 28.64 -16.17
N PRO B 554 0.99 27.54 -16.83
CA PRO B 554 0.94 26.22 -16.17
C PRO B 554 1.79 26.21 -14.88
N ARG B 555 1.27 25.61 -13.82
CA ARG B 555 1.82 25.75 -12.47
C ARG B 555 0.95 24.87 -11.58
N PRO B 556 1.44 24.55 -10.36
CA PRO B 556 0.66 23.72 -9.46
C PRO B 556 -0.66 24.42 -9.16
N LEU B 557 -1.77 23.71 -9.38
CA LEU B 557 -3.07 24.31 -9.19
C LEU B 557 -4.04 23.20 -8.82
N LEU B 558 -4.91 23.48 -7.85
CA LEU B 558 -5.95 22.50 -7.52
C LEU B 558 -7.32 23.17 -7.59
N LEU B 559 -8.26 22.47 -8.22
CA LEU B 559 -9.64 22.94 -8.34
C LEU B 559 -10.56 21.97 -7.63
N GLU B 560 -11.34 22.44 -6.65
CA GLU B 560 -12.32 21.58 -6.00
C GLU B 560 -13.64 21.92 -6.65
N VAL B 561 -14.16 21.02 -7.48
CA VAL B 561 -15.44 21.26 -8.18
C VAL B 561 -16.61 20.67 -7.38
N SER B 562 -17.54 21.53 -6.97
CA SER B 562 -18.67 21.11 -6.16
CA SER B 562 -18.68 21.13 -6.15
C SER B 562 -19.71 20.43 -7.02
N MET B 563 -19.90 19.12 -6.80
CA MET B 563 -20.71 18.27 -7.70
CA MET B 563 -20.67 18.24 -7.69
C MET B 563 -21.58 17.28 -6.94
N SER B 564 -22.23 17.75 -5.88
CA SER B 564 -23.06 16.90 -5.01
C SER B 564 -24.18 16.12 -5.71
N ASP B 565 -24.73 16.68 -6.80
CA ASP B 565 -25.83 16.00 -7.51
C ASP B 565 -25.36 15.05 -8.62
N ALA B 566 -24.06 14.95 -8.80
CA ALA B 566 -23.52 14.21 -9.93
C ALA B 566 -23.08 12.84 -9.47
N ARG B 567 -24.02 11.88 -9.45
CA ARG B 567 -23.67 10.58 -8.90
C ARG B 567 -23.98 9.39 -9.80
N GLU B 568 -23.84 9.57 -11.11
CA GLU B 568 -24.02 8.46 -12.03
C GLU B 568 -23.45 8.85 -13.38
N CYS B 569 -23.34 7.87 -14.25
CA CYS B 569 -22.87 8.09 -15.59
C CYS B 569 -24.04 7.84 -16.51
N ARG B 570 -24.10 8.63 -17.57
CA ARG B 570 -25.07 8.49 -18.63
C ARG B 570 -24.30 8.76 -19.91
N PRO B 571 -24.15 7.78 -20.81
CA PRO B 571 -24.77 6.46 -20.74
C PRO B 571 -24.10 5.47 -19.79
N ARG B 572 -24.85 4.42 -19.45
CA ARG B 572 -24.33 3.32 -18.68
C ARG B 572 -25.05 2.05 -19.10
N LEU B 573 -24.52 0.89 -18.75
CA LEU B 573 -25.15 -0.36 -19.13
C LEU B 573 -25.65 -1.11 -17.91
N GLU B 574 -26.94 -1.40 -17.92
CA GLU B 574 -27.60 -2.06 -16.80
CA GLU B 574 -27.59 -2.07 -16.81
C GLU B 574 -28.37 -3.33 -17.20
N TYR B 575 -28.72 -4.11 -16.19
CA TYR B 575 -29.58 -5.26 -16.33
C TYR B 575 -29.12 -6.32 -17.34
N GLY B 576 -27.82 -6.49 -17.55
CA GLY B 576 -27.35 -7.55 -18.45
C GLY B 576 -27.71 -7.35 -19.91
N ARG B 577 -27.97 -6.10 -20.25
CA ARG B 577 -28.46 -5.75 -21.58
C ARG B 577 -27.32 -5.72 -22.59
N ALA B 578 -27.71 -5.71 -23.86
CA ALA B 578 -26.77 -5.57 -24.98
C ALA B 578 -26.14 -4.19 -24.95
N ILE B 579 -24.96 -4.05 -25.55
CA ILE B 579 -24.20 -2.80 -25.47
C ILE B 579 -24.81 -1.64 -26.24
N ASP B 580 -25.75 -1.92 -27.15
CA ASP B 580 -26.50 -0.85 -27.81
C ASP B 580 -27.82 -0.52 -27.10
N GLN B 581 -27.94 -0.95 -25.84
CA GLN B 581 -29.14 -0.67 -25.04
C GLN B 581 -28.78 0.02 -23.74
N GLN B 582 -27.87 0.99 -23.81
CA GLN B 582 -27.47 1.74 -22.62
C GLN B 582 -28.62 2.56 -22.05
N SER B 583 -28.53 2.82 -20.75
CA SER B 583 -29.46 3.67 -20.03
C SER B 583 -28.85 5.06 -19.89
N PRO B 584 -29.65 6.12 -19.78
CA PRO B 584 -31.10 6.08 -19.90
C PRO B 584 -31.55 5.64 -21.27
N ARG B 585 -32.66 4.91 -21.31
CA ARG B 585 -33.26 4.37 -22.53
C ARG B 585 -33.30 5.28 -23.75
N HIS B 586 -33.00 4.66 -24.89
CA HIS B 586 -33.32 5.22 -26.18
C HIS B 586 -32.71 6.60 -26.41
N ASP B 587 -31.40 6.71 -26.20
CA ASP B 587 -30.68 7.96 -26.39
C ASP B 587 -30.94 8.89 -25.19
N GLY B 588 -31.55 8.36 -24.14
CA GLY B 588 -32.03 9.16 -23.03
C GLY B 588 -31.04 10.19 -22.51
#